data_8AUN
#
_entry.id   8AUN
#
_cell.length_a   49.312
_cell.length_b   92.833
_cell.length_c   90.151
_cell.angle_alpha   90.000
_cell.angle_beta   99.322
_cell.angle_gamma   90.000
#
_symmetry.space_group_name_H-M   'P 1 21 1'
#
loop_
_entity.id
_entity.type
_entity.pdbx_description
1 polymer '12-oxophytodienoate reductase 3'
2 non-polymer 'FLAVIN MONONUCLEOTIDE'
3 non-polymer 'ethyl (2Z)-2-hydroxyimino-3-oxidanylidene-butanoate'
4 non-polymer 1,2-ETHANEDIOL
5 non-polymer 'TRIETHYLENE GLYCOL'
6 non-polymer DI(HYDROXYETHYL)ETHER
7 water water
#
_entity_poly.entity_id   1
_entity_poly.type   'polypeptide(L)'
_entity_poly.pdbx_seq_one_letter_code
;MASSAQDGNNPLFSPYKMGKFNLSHRVVLAPMTRCRALNNIPQAALGEYYEQRATAGGFLITEGTMISPTSAGFPHVPGI
FTKEQVREWKKIVDVVHAKGAVIFCQLWHVGRASHEVYQPAGAAPISSTEKPISNRWRILMPDGTHGIYPKPRAIGTYEI
SQVVEDYRRSALNAIEAGFDGIEIHGAHGYLIDQFLKDGINDRTDEYGGSLANRCKFITQVVQAVVSAIGADRVGVRVSP
AIDHLDAMDSNPLSLGLAVVERLNKIQLHSGSKLAYLHVTQPRYVAYGQTEAGRLGSEEEEARLMRTLRNAYQGTFICSG
GYTRELGIEAVAQGDADLVSYGRLFISNPDLVMRIKLNAPLNKYNRKTFFTQDPVVGYTDYPFLQGNGSNGPLSRLLEHH
HHHH
;
_entity_poly.pdbx_strand_id   A,B
#
loop_
_chem_comp.id
_chem_comp.type
_chem_comp.name
_chem_comp.formula
EDO non-polymer 1,2-ETHANEDIOL 'C2 H6 O2'
FMN non-polymer 'FLAVIN MONONUCLEOTIDE' 'C17 H21 N4 O9 P'
L9I non-polymer 'ethyl (2Z)-2-hydroxyimino-3-oxidanylidene-butanoate' 'C6 H9 N O4'
PEG non-polymer DI(HYDROXYETHYL)ETHER 'C4 H10 O3'
PGE non-polymer 'TRIETHYLENE GLYCOL' 'C6 H14 O4'
#
# COMPACT_ATOMS: atom_id res chain seq x y z
N ASN A 9 6.88 19.52 41.69
CA ASN A 9 5.89 18.61 41.11
C ASN A 9 5.57 18.99 39.66
N ASN A 10 5.51 17.98 38.81
CA ASN A 10 5.31 18.18 37.38
C ASN A 10 3.83 18.33 37.09
N PRO A 11 3.39 19.52 36.64
CA PRO A 11 1.95 19.73 36.40
C PRO A 11 1.37 18.86 35.30
N LEU A 12 2.20 18.32 34.41
CA LEU A 12 1.66 17.36 33.44
C LEU A 12 1.18 16.08 34.10
N PHE A 13 1.54 15.83 35.37
CA PHE A 13 1.11 14.64 36.07
C PHE A 13 0.09 14.92 37.16
N SER A 14 -0.55 16.07 37.11
N SER A 14 -0.51 16.09 37.13
CA SER A 14 -1.69 16.29 37.97
CA SER A 14 -1.72 16.35 37.89
C SER A 14 -2.95 15.76 37.28
C SER A 14 -2.90 15.62 37.22
N PRO A 15 -3.75 14.97 37.99
CA PRO A 15 -4.95 14.36 37.38
C PRO A 15 -5.90 15.42 36.84
N TYR A 16 -6.72 14.99 35.87
CA TYR A 16 -7.65 15.92 35.23
C TYR A 16 -8.94 15.20 34.86
N LYS A 17 -10.06 15.82 35.19
CA LYS A 17 -11.39 15.27 34.91
C LYS A 17 -11.85 15.85 33.58
N MET A 18 -11.75 15.05 32.52
CA MET A 18 -12.24 15.44 31.20
C MET A 18 -13.67 14.91 31.10
N GLY A 19 -14.60 15.65 31.70
CA GLY A 19 -15.98 15.22 31.74
C GLY A 19 -16.13 14.02 32.64
N LYS A 20 -16.60 12.90 32.11
CA LYS A 20 -16.68 11.68 32.91
C LYS A 20 -15.42 10.85 32.87
N PHE A 21 -14.40 11.28 32.13
CA PHE A 21 -13.16 10.53 31.99
C PHE A 21 -12.13 11.05 32.98
N ASN A 22 -11.67 10.18 33.86
CA ASN A 22 -10.68 10.54 34.88
C ASN A 22 -9.29 10.28 34.31
N LEU A 23 -8.61 11.34 33.88
CA LEU A 23 -7.26 11.19 33.35
C LEU A 23 -6.23 11.31 34.46
N SER A 24 -5.20 10.47 34.39
N SER A 24 -5.19 10.46 34.37
CA SER A 24 -4.15 10.50 35.41
CA SER A 24 -4.13 10.42 35.36
C SER A 24 -3.07 11.50 35.09
C SER A 24 -2.99 11.37 35.05
N HIS A 25 -2.94 11.92 33.83
CA HIS A 25 -1.92 12.87 33.44
C HIS A 25 -2.43 13.57 32.20
N ARG A 26 -1.70 14.60 31.78
N ARG A 26 -1.69 14.61 31.78
CA ARG A 26 -2.18 15.51 30.75
CA ARG A 26 -2.12 15.57 30.79
C ARG A 26 -1.37 15.43 29.45
C ARG A 26 -1.49 15.36 29.42
N VAL A 27 -0.65 14.34 29.25
CA VAL A 27 0.08 14.11 28.01
C VAL A 27 -0.81 13.29 27.07
N VAL A 28 -1.18 13.86 25.93
CA VAL A 28 -2.14 13.27 25.01
C VAL A 28 -1.43 12.83 23.73
N LEU A 29 -1.81 11.66 23.21
CA LEU A 29 -1.37 11.26 21.87
C LEU A 29 -2.19 12.04 20.84
N ALA A 30 -1.52 12.92 20.10
CA ALA A 30 -2.19 13.70 19.06
C ALA A 30 -2.61 12.80 17.90
N PRO A 31 -3.70 13.14 17.20
CA PRO A 31 -4.15 12.33 16.06
C PRO A 31 -3.11 12.40 14.95
N MET A 32 -2.66 11.24 14.45
CA MET A 32 -1.65 11.23 13.39
C MET A 32 -1.93 10.18 12.32
N THR A 33 -2.15 10.65 11.09
CA THR A 33 -2.24 9.77 9.94
C THR A 33 -0.91 9.07 9.73
N ARG A 34 -0.94 7.74 9.66
CA ARG A 34 0.26 6.94 9.46
C ARG A 34 0.16 5.97 8.28
N CYS A 35 -1.03 5.75 7.73
CA CYS A 35 -1.18 5.04 6.45
C CYS A 35 -0.85 3.55 6.54
N ARG A 36 -1.05 2.93 7.72
CA ARG A 36 -0.88 1.48 7.86
C ARG A 36 -2.20 0.72 7.78
N ALA A 37 -3.33 1.41 7.64
CA ALA A 37 -4.64 0.76 7.66
C ALA A 37 -4.99 0.34 6.23
N LEU A 38 -4.37 -0.74 5.79
CA LEU A 38 -4.43 -1.15 4.39
C LEU A 38 -5.87 -1.32 3.92
N ASN A 39 -6.16 -0.75 2.74
CA ASN A 39 -7.48 -0.83 2.12
C ASN A 39 -8.56 -0.21 2.98
N ASN A 40 -8.16 0.76 3.81
CA ASN A 40 -9.02 1.49 4.75
C ASN A 40 -9.55 0.62 5.88
N ILE A 41 -8.99 -0.56 6.09
CA ILE A 41 -9.38 -1.46 7.17
C ILE A 41 -8.35 -1.33 8.28
N PRO A 42 -8.74 -1.03 9.51
CA PRO A 42 -7.80 -1.10 10.62
C PRO A 42 -7.12 -2.47 10.66
N GLN A 43 -5.81 -2.46 10.89
CA GLN A 43 -5.00 -3.67 10.88
C GLN A 43 -4.45 -3.93 12.27
N ALA A 44 -4.00 -5.18 12.48
CA ALA A 44 -3.41 -5.54 13.76
C ALA A 44 -2.23 -4.63 14.11
N ALA A 45 -1.51 -4.13 13.10
CA ALA A 45 -0.39 -3.23 13.36
C ALA A 45 -0.85 -1.99 14.13
N LEU A 46 -2.04 -1.46 13.83
CA LEU A 46 -2.55 -0.32 14.57
C LEU A 46 -2.75 -0.68 16.04
N GLY A 47 -3.25 -1.89 16.30
CA GLY A 47 -3.42 -2.33 17.68
C GLY A 47 -2.11 -2.34 18.44
N GLU A 48 -1.05 -2.89 17.83
CA GLU A 48 0.27 -2.86 18.47
C GLU A 48 0.74 -1.43 18.72
N TYR A 49 0.58 -0.56 17.71
CA TYR A 49 1.03 0.82 17.82
C TYR A 49 0.34 1.58 18.94
N TYR A 50 -1.00 1.52 18.99
CA TYR A 50 -1.72 2.24 20.03
C TYR A 50 -1.48 1.60 21.40
N GLU A 51 -1.40 0.27 21.45
CA GLU A 51 -1.09 -0.39 22.72
C GLU A 51 0.26 0.07 23.27
N GLN A 52 1.27 0.20 22.40
CA GLN A 52 2.59 0.64 22.85
C GLN A 52 2.55 1.99 23.54
N ARG A 53 1.65 2.86 23.07
CA ARG A 53 1.61 4.25 23.53
C ARG A 53 0.57 4.47 24.62
N ALA A 54 -0.30 3.50 24.87
CA ALA A 54 -1.33 3.62 25.90
C ALA A 54 -0.75 3.54 27.31
N THR A 55 -1.31 4.36 28.20
CA THR A 55 -0.97 4.34 29.62
C THR A 55 -2.25 4.38 30.43
N ALA A 56 -2.16 3.91 31.67
CA ALA A 56 -3.32 3.91 32.56
C ALA A 56 -3.73 5.34 32.85
N GLY A 57 -4.96 5.70 32.48
CA GLY A 57 -5.46 7.03 32.65
C GLY A 57 -4.96 8.04 31.64
N GLY A 58 -4.29 7.58 30.58
CA GLY A 58 -3.86 8.48 29.53
C GLY A 58 -4.86 8.54 28.39
N PHE A 59 -4.89 9.68 27.70
CA PHE A 59 -5.83 9.93 26.62
C PHE A 59 -5.13 9.79 25.27
N LEU A 60 -5.72 9.00 24.38
CA LEU A 60 -5.21 8.80 23.02
C LEU A 60 -6.26 9.28 22.01
N ILE A 61 -5.83 9.96 20.95
CA ILE A 61 -6.70 10.30 19.83
C ILE A 61 -6.16 9.58 18.60
N THR A 62 -7.03 8.89 17.87
CA THR A 62 -6.57 8.14 16.71
C THR A 62 -6.25 9.06 15.55
N GLU A 63 -5.48 8.51 14.61
CA GLU A 63 -5.36 9.04 13.25
C GLU A 63 -6.73 9.42 12.67
N GLY A 64 -6.75 10.41 11.78
CA GLY A 64 -7.98 10.76 11.10
C GLY A 64 -8.59 9.55 10.43
N THR A 65 -9.91 9.41 10.56
CA THR A 65 -10.62 8.22 10.12
C THR A 65 -11.77 8.63 9.19
N MET A 66 -11.87 7.94 8.05
CA MET A 66 -12.86 8.28 7.02
C MET A 66 -14.28 8.11 7.54
N ILE A 67 -15.15 9.06 7.16
CA ILE A 67 -16.58 8.98 7.46
C ILE A 67 -17.42 8.49 6.30
N SER A 68 -16.82 8.31 5.12
CA SER A 68 -17.55 7.94 3.91
C SER A 68 -16.55 7.59 2.83
N PRO A 69 -17.01 6.99 1.72
CA PRO A 69 -16.08 6.63 0.63
C PRO A 69 -15.37 7.80 -0.03
N THR A 70 -15.87 9.03 0.11
CA THR A 70 -15.26 10.20 -0.54
C THR A 70 -14.40 11.01 0.41
N SER A 71 -14.17 10.55 1.62
N SER A 71 -14.17 10.50 1.62
CA SER A 71 -13.57 11.38 2.65
CA SER A 71 -13.56 11.26 2.71
C SER A 71 -12.04 11.28 2.72
C SER A 71 -12.05 11.36 2.63
N ALA A 72 -11.40 10.47 1.87
CA ALA A 72 -9.96 10.23 1.99
C ALA A 72 -9.12 11.04 1.01
N GLY A 73 -7.93 11.43 1.48
CA GLY A 73 -6.94 12.08 0.63
C GLY A 73 -5.54 11.59 0.92
N PHE A 74 -5.42 10.43 1.56
CA PHE A 74 -4.16 9.76 1.85
C PHE A 74 -4.38 8.27 1.61
N PRO A 75 -3.32 7.52 1.33
CA PRO A 75 -3.48 6.08 1.11
C PRO A 75 -3.59 5.33 2.43
N HIS A 76 -4.44 4.31 2.44
CA HIS A 76 -4.47 3.33 3.53
C HIS A 76 -4.72 3.98 4.90
N VAL A 77 -5.65 4.93 4.91
CA VAL A 77 -6.13 5.52 6.16
C VAL A 77 -7.39 4.75 6.55
N PRO A 78 -7.64 4.56 7.84
CA PRO A 78 -8.80 3.75 8.23
C PRO A 78 -10.11 4.51 8.01
N GLY A 79 -11.17 3.74 7.80
CA GLY A 79 -12.53 4.24 7.86
C GLY A 79 -13.27 3.72 9.08
N ILE A 80 -14.43 4.32 9.32
CA ILE A 80 -15.33 3.78 10.34
C ILE A 80 -16.77 3.87 9.82
N PHE A 81 -16.94 3.72 8.51
CA PHE A 81 -18.26 3.77 7.88
C PHE A 81 -18.79 2.41 7.46
N THR A 82 -18.03 1.32 7.59
CA THR A 82 -18.52 -0.01 7.28
C THR A 82 -18.49 -0.89 8.53
N LYS A 83 -19.29 -1.96 8.51
CA LYS A 83 -19.28 -2.85 9.67
C LYS A 83 -17.98 -3.63 9.77
N GLU A 84 -17.35 -3.93 8.64
CA GLU A 84 -16.02 -4.54 8.67
C GLU A 84 -15.01 -3.65 9.39
N GLN A 85 -15.05 -2.34 9.10
CA GLN A 85 -14.16 -1.42 9.80
C GLN A 85 -14.47 -1.38 11.30
N VAL A 86 -15.75 -1.35 11.67
CA VAL A 86 -16.14 -1.33 13.08
C VAL A 86 -15.62 -2.56 13.81
N ARG A 87 -15.76 -3.74 13.18
CA ARG A 87 -15.28 -4.98 13.77
C ARG A 87 -13.78 -4.93 14.04
N GLU A 88 -13.01 -4.38 13.10
CA GLU A 88 -11.56 -4.37 13.30
C GLU A 88 -11.12 -3.31 14.30
N TRP A 89 -11.80 -2.15 14.29
CA TRP A 89 -11.52 -1.14 15.31
C TRP A 89 -11.78 -1.69 16.72
N LYS A 90 -12.81 -2.53 16.87
CA LYS A 90 -13.15 -3.03 18.20
C LYS A 90 -11.98 -3.79 18.81
N LYS A 91 -11.24 -4.54 17.98
CA LYS A 91 -10.07 -5.27 18.48
C LYS A 91 -9.00 -4.31 18.97
N ILE A 92 -8.82 -3.19 18.29
CA ILE A 92 -7.82 -2.20 18.68
C ILE A 92 -8.24 -1.48 19.95
N VAL A 93 -9.52 -1.09 20.03
CA VAL A 93 -10.02 -0.40 21.22
C VAL A 93 -9.90 -1.31 22.44
N ASP A 94 -10.15 -2.60 22.25
CA ASP A 94 -10.06 -3.53 23.38
C ASP A 94 -8.66 -3.60 23.94
N VAL A 95 -7.63 -3.64 23.09
CA VAL A 95 -6.27 -3.71 23.61
C VAL A 95 -5.86 -2.41 24.29
N VAL A 96 -6.33 -1.26 23.79
CA VAL A 96 -6.04 0.00 24.44
C VAL A 96 -6.75 0.11 25.78
N HIS A 97 -8.01 -0.31 25.84
CA HIS A 97 -8.75 -0.26 27.09
C HIS A 97 -8.14 -1.19 28.13
N ALA A 98 -7.57 -2.32 27.70
CA ALA A 98 -6.94 -3.23 28.65
C ALA A 98 -5.76 -2.59 29.37
N LYS A 99 -5.13 -1.58 28.77
CA LYS A 99 -4.07 -0.83 29.42
C LYS A 99 -4.61 0.35 30.24
N GLY A 100 -5.93 0.55 30.27
CA GLY A 100 -6.52 1.60 31.07
C GLY A 100 -6.54 2.96 30.43
N ALA A 101 -6.31 3.06 29.12
CA ALA A 101 -6.34 4.35 28.44
C ALA A 101 -7.75 4.70 27.99
N VAL A 102 -7.95 5.99 27.74
CA VAL A 102 -9.17 6.52 27.12
C VAL A 102 -8.81 6.81 25.67
N ILE A 103 -9.68 6.44 24.73
CA ILE A 103 -9.37 6.64 23.31
C ILE A 103 -10.55 7.22 22.54
N PHE A 104 -10.30 8.29 21.79
CA PHE A 104 -11.28 8.90 20.90
C PHE A 104 -10.86 8.66 19.45
N CYS A 105 -11.85 8.49 18.57
CA CYS A 105 -11.61 8.33 17.14
C CYS A 105 -11.81 9.68 16.45
N GLN A 106 -10.79 10.14 15.71
CA GLN A 106 -10.93 11.40 14.97
C GLN A 106 -11.64 11.16 13.64
N LEU A 107 -12.76 11.87 13.41
CA LEU A 107 -13.53 11.75 12.19
C LEU A 107 -13.06 12.80 11.19
N TRP A 108 -12.63 12.35 10.00
CA TRP A 108 -11.86 13.19 9.09
C TRP A 108 -12.41 13.10 7.67
N HIS A 109 -12.84 14.24 7.13
CA HIS A 109 -13.16 14.36 5.70
C HIS A 109 -12.23 15.42 5.13
N VAL A 110 -11.47 15.06 4.10
CA VAL A 110 -10.46 15.95 3.53
C VAL A 110 -11.01 16.99 2.56
N GLY A 111 -12.25 16.84 2.10
CA GLY A 111 -12.78 17.77 1.11
C GLY A 111 -11.91 17.83 -0.12
N ARG A 112 -11.52 19.05 -0.52
CA ARG A 112 -10.78 19.24 -1.75
C ARG A 112 -9.35 18.75 -1.68
N ALA A 113 -8.86 18.40 -0.49
CA ALA A 113 -7.48 17.92 -0.33
C ALA A 113 -7.44 16.43 -0.67
N SER A 114 -7.76 16.13 -1.92
CA SER A 114 -7.80 14.74 -2.38
C SER A 114 -7.35 14.71 -3.83
N HIS A 115 -7.56 13.56 -4.47
CA HIS A 115 -7.15 13.35 -5.85
C HIS A 115 -8.07 12.29 -6.42
N GLU A 116 -8.18 12.28 -7.75
N GLU A 116 -8.17 12.26 -7.76
CA GLU A 116 -8.99 11.27 -8.42
CA GLU A 116 -9.02 11.24 -8.39
C GLU A 116 -8.64 9.85 -7.96
C GLU A 116 -8.64 9.83 -7.95
N VAL A 117 -7.35 9.59 -7.70
CA VAL A 117 -6.91 8.26 -7.27
C VAL A 117 -7.52 7.83 -5.94
N TYR A 118 -7.93 8.80 -5.12
CA TYR A 118 -8.52 8.48 -3.82
C TYR A 118 -10.04 8.49 -3.81
N GLN A 119 -10.68 8.79 -4.95
CA GLN A 119 -12.12 8.96 -4.99
C GLN A 119 -12.78 7.82 -5.75
N PRO A 120 -13.96 7.39 -5.31
CA PRO A 120 -14.70 6.37 -6.06
C PRO A 120 -14.93 6.80 -7.50
N ALA A 121 -14.68 5.86 -8.43
CA ALA A 121 -14.85 6.09 -9.86
C ALA A 121 -14.00 7.22 -10.39
N GLY A 122 -12.95 7.62 -9.66
CA GLY A 122 -12.11 8.73 -10.09
C GLY A 122 -12.82 10.06 -10.15
N ALA A 123 -13.89 10.24 -9.38
CA ALA A 123 -14.64 11.49 -9.43
C ALA A 123 -13.86 12.61 -8.74
N ALA A 124 -14.29 13.84 -8.99
CA ALA A 124 -13.68 14.99 -8.33
C ALA A 124 -13.98 14.95 -6.83
N PRO A 125 -13.03 15.36 -6.00
N PRO A 125 -13.06 15.42 -6.00
CA PRO A 125 -13.32 15.59 -4.58
CA PRO A 125 -13.36 15.55 -4.58
C PRO A 125 -14.44 16.60 -4.40
C PRO A 125 -14.33 16.69 -4.35
N ILE A 126 -14.95 16.69 -3.18
CA ILE A 126 -16.01 17.64 -2.86
C ILE A 126 -15.50 18.77 -1.98
N SER A 127 -16.15 19.92 -2.06
CA SER A 127 -15.75 21.07 -1.25
C SER A 127 -16.89 22.07 -1.16
N SER A 128 -16.62 23.16 -0.44
CA SER A 128 -17.53 24.30 -0.38
C SER A 128 -17.53 25.09 -1.67
N THR A 129 -16.49 24.88 -2.48
CA THR A 129 -16.08 25.77 -3.54
C THR A 129 -15.59 24.92 -4.70
N GLU A 130 -15.42 25.59 -5.83
N GLU A 130 -15.43 25.55 -5.87
CA GLU A 130 -14.78 25.10 -7.03
CA GLU A 130 -14.71 24.92 -6.98
C GLU A 130 -13.27 25.34 -7.03
C GLU A 130 -13.24 25.32 -7.03
N LYS A 131 -12.78 26.11 -6.07
CA LYS A 131 -11.38 26.53 -6.05
C LYS A 131 -10.49 25.38 -5.62
N PRO A 132 -9.45 25.05 -6.39
CA PRO A 132 -8.51 24.02 -5.97
C PRO A 132 -7.45 24.60 -5.03
N ILE A 133 -6.83 23.71 -4.26
CA ILE A 133 -5.56 24.05 -3.64
C ILE A 133 -4.58 24.41 -4.74
N SER A 134 -3.74 25.40 -4.49
CA SER A 134 -2.81 25.88 -5.51
C SER A 134 -1.64 24.92 -5.69
N ASN A 135 -0.87 25.16 -6.76
CA ASN A 135 0.26 24.29 -7.07
C ASN A 135 1.45 24.48 -6.14
N ARG A 136 1.38 25.39 -5.16
CA ARG A 136 2.37 25.44 -4.10
C ARG A 136 2.39 24.11 -3.33
N TRP A 137 1.27 23.40 -3.31
CA TRP A 137 1.11 22.16 -2.54
C TRP A 137 0.91 20.99 -3.48
N ARG A 138 1.45 19.83 -3.10
N ARG A 138 1.46 19.82 -3.13
CA ARG A 138 1.31 18.60 -3.87
CA ARG A 138 1.28 18.60 -3.91
C ARG A 138 0.82 17.49 -2.96
C ARG A 138 0.84 17.49 -2.98
N ILE A 139 0.04 16.56 -3.51
CA ILE A 139 -0.57 15.47 -2.73
C ILE A 139 0.28 14.20 -2.83
N LEU A 140 0.49 13.54 -1.70
CA LEU A 140 1.15 12.24 -1.70
C LEU A 140 0.27 11.20 -2.37
N MET A 141 0.83 10.48 -3.35
CA MET A 141 0.14 9.46 -4.10
C MET A 141 0.43 8.07 -3.51
N PRO A 142 -0.37 7.05 -3.84
CA PRO A 142 -0.15 5.73 -3.23
C PRO A 142 1.17 5.10 -3.60
N ASP A 143 1.79 5.51 -4.71
CA ASP A 143 3.09 4.96 -5.07
C ASP A 143 4.26 5.77 -4.51
N GLY A 144 3.99 6.78 -3.67
CA GLY A 144 5.04 7.58 -3.09
C GLY A 144 5.47 8.78 -3.90
N THR A 145 4.94 8.95 -5.11
CA THR A 145 5.18 10.18 -5.86
C THR A 145 4.23 11.25 -5.35
N HIS A 146 4.30 12.43 -5.96
CA HIS A 146 3.44 13.53 -5.56
C HIS A 146 2.66 14.03 -6.77
N GLY A 147 1.38 14.33 -6.55
CA GLY A 147 0.47 14.69 -7.61
C GLY A 147 -0.14 16.07 -7.40
N ILE A 148 -1.00 16.43 -8.35
N ILE A 148 -1.02 16.41 -8.34
CA ILE A 148 -1.60 17.76 -8.39
CA ILE A 148 -1.64 17.73 -8.43
C ILE A 148 -3.00 17.70 -7.79
C ILE A 148 -3.02 17.68 -7.78
N TYR A 149 -3.29 18.60 -6.87
CA TYR A 149 -4.65 18.71 -6.32
C TYR A 149 -5.60 19.20 -7.42
N PRO A 150 -6.71 18.51 -7.65
CA PRO A 150 -7.64 18.89 -8.72
C PRO A 150 -8.68 19.91 -8.26
N LYS A 151 -9.43 20.42 -9.24
CA LYS A 151 -10.57 21.27 -8.94
C LYS A 151 -11.65 20.45 -8.27
N PRO A 152 -12.16 20.86 -7.11
CA PRO A 152 -13.24 20.12 -6.46
C PRO A 152 -14.59 20.52 -7.02
N ARG A 153 -15.59 19.72 -6.67
CA ARG A 153 -16.99 19.98 -6.97
C ARG A 153 -17.64 20.64 -5.76
N ALA A 154 -18.30 21.77 -5.98
CA ALA A 154 -18.96 22.51 -4.90
C ALA A 154 -20.32 21.88 -4.61
N ILE A 155 -20.55 21.49 -3.38
CA ILE A 155 -21.75 20.74 -3.02
C ILE A 155 -22.90 21.67 -2.66
N GLY A 156 -24.12 21.23 -2.96
CA GLY A 156 -25.32 21.94 -2.57
C GLY A 156 -25.78 21.55 -1.17
N THR A 157 -26.92 22.11 -0.76
CA THR A 157 -27.36 21.94 0.63
C THR A 157 -27.88 20.54 0.91
N TYR A 158 -28.48 19.87 -0.09
CA TYR A 158 -28.85 18.48 0.13
C TYR A 158 -27.60 17.64 0.43
N GLU A 159 -26.56 17.81 -0.38
CA GLU A 159 -25.35 17.01 -0.17
C GLU A 159 -24.67 17.39 1.14
N ILE A 160 -24.70 18.68 1.51
CA ILE A 160 -24.20 19.07 2.84
C ILE A 160 -24.91 18.28 3.93
N SER A 161 -26.25 18.16 3.85
CA SER A 161 -26.97 17.42 4.86
C SER A 161 -26.56 15.94 4.85
N GLN A 162 -26.25 15.38 3.68
CA GLN A 162 -25.75 14.01 3.60
C GLN A 162 -24.40 13.86 4.31
N VAL A 163 -23.51 14.84 4.14
CA VAL A 163 -22.21 14.77 4.80
C VAL A 163 -22.38 14.85 6.32
N VAL A 164 -23.24 15.76 6.80
CA VAL A 164 -23.53 15.82 8.23
C VAL A 164 -24.01 14.47 8.73
N GLU A 165 -24.89 13.82 7.97
CA GLU A 165 -25.34 12.48 8.35
C GLU A 165 -24.19 11.45 8.36
N ASP A 166 -23.21 11.59 7.46
CA ASP A 166 -22.06 10.71 7.49
C ASP A 166 -21.28 10.86 8.79
N TYR A 167 -21.10 12.11 9.25
CA TYR A 167 -20.47 12.31 10.56
C TYR A 167 -21.29 11.66 11.66
N ARG A 168 -22.62 11.84 11.62
CA ARG A 168 -23.46 11.30 12.69
C ARG A 168 -23.38 9.78 12.73
N ARG A 169 -23.47 9.13 11.57
CA ARG A 169 -23.42 7.67 11.53
C ARG A 169 -22.04 7.17 11.93
N SER A 170 -20.98 7.88 11.55
CA SER A 170 -19.64 7.47 11.93
C SER A 170 -19.42 7.60 13.44
N ALA A 171 -20.02 8.63 14.06
CA ALA A 171 -19.93 8.76 15.51
C ALA A 171 -20.62 7.59 16.20
N LEU A 172 -21.80 7.20 15.69
CA LEU A 172 -22.48 6.04 16.26
C LEU A 172 -21.65 4.78 16.07
N ASN A 173 -21.02 4.63 14.90
CA ASN A 173 -20.18 3.47 14.65
C ASN A 173 -18.99 3.44 15.60
N ALA A 174 -18.42 4.61 15.91
CA ALA A 174 -17.29 4.65 16.82
C ALA A 174 -17.69 4.15 18.20
N ILE A 175 -18.86 4.59 18.68
CA ILE A 175 -19.37 4.09 19.95
C ILE A 175 -19.60 2.58 19.89
N GLU A 176 -20.13 2.08 18.75
CA GLU A 176 -20.34 0.65 18.60
C GLU A 176 -19.02 -0.11 18.70
N ALA A 177 -17.94 0.45 18.15
CA ALA A 177 -16.63 -0.19 18.22
C ALA A 177 -16.01 -0.10 19.61
N GLY A 178 -16.61 0.65 20.53
CA GLY A 178 -16.12 0.77 21.89
C GLY A 178 -15.34 2.03 22.18
N PHE A 179 -15.15 2.91 21.21
CA PHE A 179 -14.44 4.16 21.49
C PHE A 179 -15.12 4.93 22.62
N ASP A 180 -14.32 5.65 23.39
CA ASP A 180 -14.87 6.49 24.45
C ASP A 180 -15.53 7.74 23.89
N GLY A 181 -15.15 8.14 22.68
CA GLY A 181 -15.70 9.34 22.08
C GLY A 181 -15.09 9.54 20.71
N ILE A 182 -15.41 10.69 20.12
CA ILE A 182 -14.88 11.06 18.81
C ILE A 182 -14.38 12.48 18.85
N GLU A 183 -13.47 12.80 17.93
CA GLU A 183 -13.02 14.17 17.71
C GLU A 183 -13.39 14.58 16.30
N ILE A 184 -14.00 15.74 16.15
CA ILE A 184 -14.30 16.30 14.84
C ILE A 184 -13.06 17.01 14.32
N HIS A 185 -12.51 16.54 13.19
CA HIS A 185 -11.37 17.23 12.57
C HIS A 185 -11.92 18.42 11.78
N GLY A 186 -11.91 19.59 12.41
CA GLY A 186 -12.38 20.80 11.75
C GLY A 186 -11.24 21.76 11.45
N ALA A 187 -10.04 21.22 11.23
CA ALA A 187 -8.83 22.03 11.14
C ALA A 187 -8.10 21.79 9.83
N HIS A 188 -7.02 22.58 9.64
CA HIS A 188 -5.94 22.22 8.72
C HIS A 188 -6.35 22.23 7.25
N GLY A 189 -7.33 23.06 6.88
CA GLY A 189 -7.70 23.17 5.48
C GLY A 189 -8.48 22.01 4.93
N TYR A 190 -9.02 21.13 5.77
CA TYR A 190 -9.82 20.00 5.31
C TYR A 190 -11.28 20.45 5.12
N LEU A 191 -12.22 19.51 4.98
CA LEU A 191 -13.57 19.90 4.50
C LEU A 191 -14.20 20.97 5.37
N ILE A 192 -14.21 20.77 6.68
CA ILE A 192 -14.85 21.75 7.56
C ILE A 192 -14.17 23.10 7.45
N ASP A 193 -12.83 23.10 7.44
CA ASP A 193 -12.09 24.35 7.31
C ASP A 193 -12.32 25.01 5.95
N GLN A 194 -12.64 24.22 4.92
CA GLN A 194 -12.97 24.81 3.62
C GLN A 194 -14.28 25.59 3.66
N PHE A 195 -15.18 25.28 4.59
CA PHE A 195 -16.34 26.12 4.84
C PHE A 195 -16.02 27.30 5.76
N LEU A 196 -15.12 27.10 6.74
CA LEU A 196 -14.85 28.15 7.71
C LEU A 196 -14.07 29.32 7.12
N LYS A 197 -13.05 29.05 6.30
CA LYS A 197 -12.05 30.06 5.96
C LYS A 197 -12.54 30.93 4.80
N ASP A 198 -12.49 32.26 4.99
CA ASP A 198 -12.93 33.15 3.93
C ASP A 198 -12.00 33.18 2.72
N GLY A 199 -10.77 32.68 2.87
CA GLY A 199 -9.91 32.48 1.72
C GLY A 199 -10.34 31.35 0.81
N ILE A 200 -11.22 30.47 1.27
CA ILE A 200 -11.70 29.33 0.49
C ILE A 200 -13.18 29.49 0.15
N ASN A 201 -13.99 29.81 1.15
CA ASN A 201 -15.44 29.73 0.99
C ASN A 201 -15.93 30.97 0.27
N ASP A 202 -16.26 30.81 -1.01
CA ASP A 202 -16.78 31.86 -1.86
C ASP A 202 -18.27 31.69 -2.16
N ARG A 203 -19.02 31.03 -1.27
CA ARG A 203 -20.40 30.72 -1.55
C ARG A 203 -21.31 31.93 -1.34
N THR A 204 -22.43 31.93 -2.06
CA THR A 204 -23.43 32.98 -1.95
C THR A 204 -24.74 32.48 -1.32
N ASP A 205 -24.77 31.25 -0.85
CA ASP A 205 -25.96 30.71 -0.20
C ASP A 205 -25.83 30.84 1.31
N GLU A 206 -26.63 30.08 2.05
CA GLU A 206 -26.67 30.22 3.50
C GLU A 206 -25.43 29.65 4.19
N TYR A 207 -24.52 29.01 3.44
CA TYR A 207 -23.29 28.50 4.00
C TYR A 207 -22.09 29.39 3.69
N GLY A 208 -22.30 30.55 3.07
CA GLY A 208 -21.18 31.43 2.80
C GLY A 208 -21.57 32.89 2.88
N GLY A 209 -20.58 33.74 2.68
CA GLY A 209 -20.74 35.17 2.75
C GLY A 209 -20.24 35.67 4.09
N SER A 210 -21.10 35.59 5.08
CA SER A 210 -20.81 36.15 6.39
C SER A 210 -20.07 35.12 7.24
N LEU A 211 -19.43 35.62 8.30
CA LEU A 211 -18.80 34.74 9.27
C LEU A 211 -19.83 33.77 9.87
N ALA A 212 -21.02 34.27 10.18
CA ALA A 212 -22.06 33.40 10.72
C ALA A 212 -22.39 32.27 9.75
N ASN A 213 -22.50 32.60 8.46
CA ASN A 213 -22.83 31.57 7.48
C ASN A 213 -21.68 30.60 7.30
N ARG A 214 -20.44 31.09 7.36
CA ARG A 214 -19.30 30.18 7.22
C ARG A 214 -19.20 29.21 8.38
N CYS A 215 -19.70 29.59 9.56
CA CYS A 215 -19.71 28.70 10.71
C CYS A 215 -20.88 27.72 10.72
N LYS A 216 -21.79 27.82 9.76
CA LYS A 216 -22.98 26.95 9.78
C LYS A 216 -22.60 25.47 9.70
N PHE A 217 -21.67 25.13 8.80
CA PHE A 217 -21.36 23.71 8.60
C PHE A 217 -20.79 23.07 9.86
N ILE A 218 -19.78 23.71 10.47
CA ILE A 218 -19.20 23.10 11.68
C ILE A 218 -20.25 23.02 12.78
N THR A 219 -21.12 24.03 12.88
CA THR A 219 -22.15 23.98 13.89
C THR A 219 -23.08 22.79 13.69
N GLN A 220 -23.49 22.55 12.44
CA GLN A 220 -24.38 21.44 12.16
C GLN A 220 -23.70 20.10 12.40
N VAL A 221 -22.42 19.99 12.05
CA VAL A 221 -21.71 18.74 12.28
C VAL A 221 -21.62 18.45 13.76
N VAL A 222 -21.22 19.46 14.55
CA VAL A 222 -21.05 19.25 15.99
C VAL A 222 -22.40 18.94 16.63
N GLN A 223 -23.46 19.67 16.23
N GLN A 223 -23.46 19.66 16.24
CA GLN A 223 -24.79 19.41 16.78
CA GLN A 223 -24.77 19.38 16.83
C GLN A 223 -25.25 17.99 16.48
C GLN A 223 -25.23 17.98 16.49
N ALA A 224 -24.97 17.51 15.26
CA ALA A 224 -25.40 16.17 14.88
C ALA A 224 -24.71 15.11 15.73
N VAL A 225 -23.39 15.22 15.92
CA VAL A 225 -22.70 14.20 16.70
C VAL A 225 -23.06 14.31 18.19
N VAL A 226 -23.25 15.53 18.70
CA VAL A 226 -23.67 15.70 20.09
C VAL A 226 -25.03 15.04 20.31
N SER A 227 -25.96 15.27 19.38
CA SER A 227 -27.28 14.65 19.51
C SER A 227 -27.19 13.12 19.49
N ALA A 228 -26.23 12.58 18.73
CA ALA A 228 -26.14 11.13 18.56
C ALA A 228 -25.47 10.44 19.75
N ILE A 229 -24.39 11.02 20.29
CA ILE A 229 -23.59 10.28 21.27
C ILE A 229 -23.40 11.02 22.59
N GLY A 230 -23.87 12.27 22.66
CA GLY A 230 -23.72 13.08 23.86
C GLY A 230 -22.50 13.99 23.82
N ALA A 231 -22.66 15.22 24.32
CA ALA A 231 -21.59 16.21 24.20
C ALA A 231 -20.31 15.76 24.89
N ASP A 232 -20.43 15.06 26.02
CA ASP A 232 -19.23 14.68 26.77
C ASP A 232 -18.36 13.65 26.06
N ARG A 233 -18.83 13.10 24.94
N ARG A 233 -18.85 13.10 24.95
CA ARG A 233 -18.05 12.18 24.14
CA ARG A 233 -18.10 12.17 24.11
C ARG A 233 -17.54 12.81 22.85
C ARG A 233 -17.67 12.79 22.79
N VAL A 234 -17.64 14.12 22.72
CA VAL A 234 -17.31 14.83 21.47
C VAL A 234 -16.23 15.88 21.76
N GLY A 235 -15.11 15.78 21.05
CA GLY A 235 -14.10 16.82 21.05
C GLY A 235 -14.11 17.49 19.68
N VAL A 236 -13.63 18.73 19.60
CA VAL A 236 -13.63 19.48 18.34
C VAL A 236 -12.24 20.08 18.14
N ARG A 237 -11.63 19.82 16.98
CA ARG A 237 -10.34 20.40 16.64
C ARG A 237 -10.49 21.48 15.57
N VAL A 238 -9.88 22.64 15.82
CA VAL A 238 -9.85 23.73 14.85
C VAL A 238 -8.45 24.33 14.77
N SER A 239 -8.21 25.10 13.72
CA SER A 239 -6.94 25.81 13.53
C SER A 239 -7.20 27.10 12.78
N PRO A 240 -7.66 28.14 13.48
CA PRO A 240 -8.03 29.39 12.78
C PRO A 240 -6.87 30.05 12.04
N ALA A 241 -5.64 29.85 12.50
CA ALA A 241 -4.46 30.39 11.83
C ALA A 241 -3.53 29.22 11.56
N ILE A 242 -3.40 28.83 10.30
CA ILE A 242 -2.60 27.69 9.91
C ILE A 242 -2.06 27.93 8.51
N ASP A 243 -0.82 27.51 8.28
CA ASP A 243 -0.25 27.57 6.92
C ASP A 243 -0.27 26.15 6.39
N HIS A 244 -1.41 25.75 5.81
CA HIS A 244 -1.58 24.41 5.29
C HIS A 244 -2.67 24.41 4.24
N LEU A 245 -2.32 24.07 2.99
CA LEU A 245 -3.28 23.80 1.92
C LEU A 245 -4.14 25.01 1.58
N ASP A 246 -3.54 26.20 1.63
CA ASP A 246 -4.19 27.44 1.17
C ASP A 246 -5.48 27.73 1.94
N ALA A 247 -5.44 27.55 3.25
CA ALA A 247 -6.61 27.72 4.11
C ALA A 247 -6.41 28.93 5.03
N MET A 248 -6.54 30.11 4.45
CA MET A 248 -6.33 31.35 5.17
C MET A 248 -7.63 32.08 5.42
N ASP A 249 -7.66 32.85 6.50
CA ASP A 249 -8.78 33.74 6.80
C ASP A 249 -8.26 35.15 6.99
N SER A 250 -9.08 36.12 6.60
CA SER A 250 -8.69 37.52 6.74
C SER A 250 -8.64 37.98 8.19
N ASN A 251 -9.31 37.28 9.10
CA ASN A 251 -9.36 37.66 10.51
C ASN A 251 -9.39 36.38 11.33
N PRO A 252 -8.25 35.70 11.47
CA PRO A 252 -8.25 34.39 12.15
C PRO A 252 -8.78 34.43 13.57
N LEU A 253 -8.47 35.48 14.33
CA LEU A 253 -8.93 35.51 15.71
C LEU A 253 -10.44 35.63 15.79
N SER A 254 -11.04 36.47 14.93
N SER A 254 -11.04 36.47 14.94
CA SER A 254 -12.49 36.58 14.93
CA SER A 254 -12.50 36.58 14.94
C SER A 254 -13.14 35.28 14.48
C SER A 254 -13.15 35.28 14.48
N LEU A 255 -12.54 34.59 13.51
CA LEU A 255 -13.05 33.29 13.10
C LEU A 255 -13.02 32.31 14.27
N GLY A 256 -11.90 32.23 14.97
CA GLY A 256 -11.80 31.35 16.12
C GLY A 256 -12.82 31.68 17.18
N LEU A 257 -13.01 32.98 17.48
CA LEU A 257 -13.97 33.37 18.51
C LEU A 257 -15.39 33.08 18.09
N ALA A 258 -15.70 33.20 16.79
CA ALA A 258 -17.04 32.85 16.33
C ALA A 258 -17.30 31.35 16.50
N VAL A 259 -16.31 30.52 16.21
CA VAL A 259 -16.48 29.08 16.44
C VAL A 259 -16.65 28.80 17.92
N VAL A 260 -15.81 29.42 18.76
CA VAL A 260 -15.91 29.20 20.21
C VAL A 260 -17.29 29.61 20.73
N GLU A 261 -17.83 30.75 20.27
CA GLU A 261 -19.18 31.16 20.67
C GLU A 261 -20.20 30.08 20.34
N ARG A 262 -20.10 29.49 19.13
N ARG A 262 -20.09 29.48 19.15
CA ARG A 262 -21.03 28.45 18.72
CA ARG A 262 -21.07 28.47 18.76
C ARG A 262 -20.92 27.23 19.64
C ARG A 262 -20.92 27.20 19.60
N LEU A 263 -19.69 26.82 19.95
CA LEU A 263 -19.51 25.68 20.85
C LEU A 263 -20.06 25.97 22.24
N ASN A 264 -19.82 27.19 22.76
CA ASN A 264 -20.41 27.55 24.05
C ASN A 264 -21.93 27.45 24.00
N LYS A 265 -22.54 27.90 22.90
CA LYS A 265 -24.00 27.87 22.78
C LYS A 265 -24.52 26.44 22.64
N ILE A 266 -23.83 25.59 21.89
CA ILE A 266 -24.22 24.18 21.81
C ILE A 266 -24.23 23.55 23.20
N GLN A 267 -23.22 23.87 24.02
CA GLN A 267 -23.15 23.30 25.36
C GLN A 267 -24.31 23.78 26.22
N LEU A 268 -24.62 25.08 26.18
CA LEU A 268 -25.74 25.60 26.96
C LEU A 268 -27.06 24.95 26.52
N HIS A 269 -27.25 24.81 25.21
CA HIS A 269 -28.47 24.19 24.70
C HIS A 269 -28.57 22.72 25.08
N SER A 270 -27.45 22.00 25.02
N SER A 270 -27.44 22.00 25.02
CA SER A 270 -27.45 20.58 25.35
CA SER A 270 -27.42 20.58 25.35
C SER A 270 -27.38 20.32 26.85
C SER A 270 -27.42 20.33 26.84
N GLY A 271 -27.10 21.34 27.65
CA GLY A 271 -26.97 21.13 29.09
C GLY A 271 -25.75 20.32 29.50
N SER A 272 -24.72 20.27 28.64
CA SER A 272 -23.54 19.48 28.94
C SER A 272 -22.37 20.06 28.16
N LYS A 273 -21.17 19.87 28.71
CA LYS A 273 -19.97 20.35 28.02
C LYS A 273 -19.46 19.29 27.05
N LEU A 274 -18.86 19.77 25.98
CA LEU A 274 -18.07 18.93 25.10
C LEU A 274 -16.91 18.34 25.89
N ALA A 275 -16.34 17.25 25.35
CA ALA A 275 -15.13 16.72 25.96
C ALA A 275 -14.02 17.75 25.97
N TYR A 276 -13.85 18.49 24.87
CA TYR A 276 -12.76 19.47 24.80
C TYR A 276 -12.81 20.22 23.47
N LEU A 277 -12.07 21.32 23.46
CA LEU A 277 -11.66 22.05 22.26
C LEU A 277 -10.16 21.84 22.11
N HIS A 278 -9.71 21.49 20.90
CA HIS A 278 -8.32 21.16 20.59
C HIS A 278 -7.89 22.14 19.51
N VAL A 279 -6.84 22.93 19.77
CA VAL A 279 -6.44 23.99 18.84
C VAL A 279 -4.98 23.80 18.46
N THR A 280 -4.69 23.88 17.15
CA THR A 280 -3.31 23.80 16.67
C THR A 280 -2.63 25.17 16.80
N GLN A 281 -1.44 25.15 17.39
N GLN A 281 -1.46 25.16 17.40
CA GLN A 281 -0.56 26.31 17.41
CA GLN A 281 -0.70 26.39 17.48
C GLN A 281 -0.26 26.75 15.99
C GLN A 281 -0.21 26.79 16.09
N PRO A 282 -0.40 28.05 15.67
CA PRO A 282 -0.06 28.49 14.31
C PRO A 282 1.37 28.22 13.86
N ARG A 283 2.30 27.95 14.79
CA ARG A 283 3.66 27.65 14.39
C ARG A 283 3.78 26.30 13.68
N TYR A 284 2.79 25.42 13.83
CA TYR A 284 2.94 24.05 13.35
C TYR A 284 2.64 23.94 11.85
N VAL A 285 3.57 23.34 11.10
CA VAL A 285 3.38 23.09 9.68
C VAL A 285 3.76 21.65 9.37
N ALA A 286 3.24 21.15 8.25
CA ALA A 286 3.54 19.79 7.81
C ALA A 286 4.94 19.71 7.21
N SER A 297 4.35 36.75 14.34
CA SER A 297 5.28 36.74 15.45
C SER A 297 4.84 35.73 16.51
N GLU A 298 5.77 35.35 17.38
CA GLU A 298 5.42 34.42 18.45
C GLU A 298 4.36 35.00 19.38
N GLU A 299 4.34 36.32 19.54
CA GLU A 299 3.40 36.93 20.48
C GLU A 299 1.98 36.90 19.93
N GLU A 300 1.82 37.21 18.64
CA GLU A 300 0.50 37.11 18.02
C GLU A 300 -0.02 35.67 18.08
N GLU A 301 0.87 34.69 17.93
CA GLU A 301 0.47 33.29 18.03
C GLU A 301 0.07 32.93 19.46
N ALA A 302 0.85 33.38 20.44
CA ALA A 302 0.49 33.13 21.83
C ALA A 302 -0.75 33.90 22.23
N ARG A 303 -0.88 35.15 21.75
CA ARG A 303 -2.12 35.90 21.95
C ARG A 303 -3.32 35.07 21.51
N LEU A 304 -3.26 34.53 20.29
CA LEU A 304 -4.42 33.86 19.72
C LEU A 304 -4.80 32.63 20.52
N MET A 305 -3.80 31.81 20.89
CA MET A 305 -4.09 30.62 21.68
C MET A 305 -4.76 30.97 22.99
N ARG A 306 -4.21 31.92 23.73
CA ARG A 306 -4.78 32.23 25.04
C ARG A 306 -6.15 32.92 24.90
N THR A 307 -6.34 33.72 23.84
CA THR A 307 -7.63 34.35 23.63
C THR A 307 -8.72 33.30 23.39
N LEU A 308 -8.43 32.29 22.57
CA LEU A 308 -9.41 31.23 22.34
C LEU A 308 -9.66 30.43 23.61
N ARG A 309 -8.60 30.08 24.35
CA ARG A 309 -8.78 29.33 25.59
C ARG A 309 -9.65 30.10 26.58
N ASN A 310 -9.36 31.39 26.79
CA ASN A 310 -10.13 32.19 27.74
C ASN A 310 -11.59 32.32 27.33
N ALA A 311 -11.87 32.24 26.03
CA ALA A 311 -13.24 32.43 25.55
C ALA A 311 -14.07 31.16 25.64
N TYR A 312 -13.45 29.99 25.74
CA TYR A 312 -14.15 28.71 25.64
C TYR A 312 -14.49 28.17 27.03
N GLN A 313 -15.76 27.82 27.22
CA GLN A 313 -16.24 27.28 28.49
C GLN A 313 -16.00 25.77 28.52
N GLY A 314 -14.75 25.37 28.73
CA GLY A 314 -14.47 23.96 28.85
C GLY A 314 -12.99 23.64 28.75
N THR A 315 -12.71 22.37 28.52
CA THR A 315 -11.36 21.84 28.48
C THR A 315 -10.67 22.20 27.18
N PHE A 316 -9.41 22.63 27.27
CA PHE A 316 -8.64 23.12 26.13
C PHE A 316 -7.39 22.26 25.98
N ILE A 317 -7.21 21.67 24.80
CA ILE A 317 -6.02 20.90 24.45
C ILE A 317 -5.22 21.71 23.43
N CYS A 318 -3.94 21.94 23.72
CA CYS A 318 -3.08 22.63 22.77
C CYS A 318 -2.17 21.62 22.07
N SER A 319 -1.81 21.91 20.83
CA SER A 319 -1.00 20.99 20.04
C SER A 319 -0.16 21.79 19.06
N GLY A 320 1.00 21.25 18.72
CA GLY A 320 1.81 21.86 17.68
C GLY A 320 3.12 22.41 18.19
N GLY A 321 4.19 21.64 17.99
CA GLY A 321 5.51 22.08 18.40
C GLY A 321 5.80 22.02 19.89
N TYR A 322 4.99 21.30 20.67
CA TYR A 322 5.24 21.24 22.10
C TYR A 322 6.39 20.30 22.45
N THR A 323 7.10 20.67 23.51
CA THR A 323 8.17 19.90 24.08
C THR A 323 7.80 19.59 25.52
N ARG A 324 8.69 18.88 26.23
CA ARG A 324 8.45 18.68 27.66
C ARG A 324 8.36 20.02 28.38
N GLU A 325 9.32 20.91 28.14
CA GLU A 325 9.35 22.20 28.81
C GLU A 325 8.13 23.04 28.46
N LEU A 326 7.79 23.12 27.17
CA LEU A 326 6.66 23.94 26.75
C LEU A 326 5.32 23.38 27.22
N GLY A 327 5.21 22.05 27.28
CA GLY A 327 4.00 21.45 27.82
C GLY A 327 3.83 21.75 29.30
N ILE A 328 4.92 21.65 30.06
CA ILE A 328 4.87 21.98 31.48
C ILE A 328 4.44 23.44 31.68
N GLU A 329 5.05 24.35 30.91
CA GLU A 329 4.69 25.76 31.00
C GLU A 329 3.23 26.00 30.65
N ALA A 330 2.74 25.32 29.59
CA ALA A 330 1.36 25.53 29.17
C ALA A 330 0.37 25.20 30.29
N VAL A 331 0.57 24.08 30.97
CA VAL A 331 -0.32 23.70 32.05
C VAL A 331 -0.10 24.58 33.28
N ALA A 332 1.17 24.84 33.61
CA ALA A 332 1.47 25.64 34.80
C ALA A 332 0.91 27.05 34.70
N GLN A 333 0.96 27.65 33.51
CA GLN A 333 0.50 29.01 33.31
C GLN A 333 -1.00 29.12 33.06
N GLY A 334 -1.70 27.98 32.98
CA GLY A 334 -3.12 28.00 32.70
C GLY A 334 -3.48 28.17 31.24
N ASP A 335 -2.51 28.02 30.33
CA ASP A 335 -2.75 28.18 28.90
C ASP A 335 -3.50 27.01 28.30
N ALA A 336 -3.47 25.84 28.95
CA ALA A 336 -4.15 24.65 28.44
C ALA A 336 -4.33 23.70 29.60
N ASP A 337 -5.32 22.81 29.45
CA ASP A 337 -5.54 21.75 30.41
C ASP A 337 -4.81 20.47 30.02
N LEU A 338 -4.68 20.21 28.72
CA LEU A 338 -4.04 19.00 28.21
C LEU A 338 -3.14 19.41 27.06
N VAL A 339 -2.09 18.64 26.83
CA VAL A 339 -1.10 18.95 25.79
C VAL A 339 -0.94 17.71 24.93
N SER A 340 -1.21 17.84 23.63
CA SER A 340 -1.04 16.70 22.73
C SER A 340 0.27 16.79 21.98
N TYR A 341 0.92 15.63 21.84
CA TYR A 341 2.21 15.49 21.20
C TYR A 341 2.08 14.57 19.99
N GLY A 342 2.69 14.98 18.88
CA GLY A 342 2.68 14.19 17.67
C GLY A 342 3.99 13.50 17.38
N ARG A 343 4.90 14.23 16.74
CA ARG A 343 6.13 13.63 16.24
C ARG A 343 6.93 12.92 17.34
N LEU A 344 7.04 13.50 18.54
CA LEU A 344 7.80 12.83 19.58
C LEU A 344 7.11 11.54 20.04
N PHE A 345 5.78 11.46 19.91
CA PHE A 345 5.09 10.21 20.21
C PHE A 345 5.27 9.16 19.13
N ILE A 346 5.57 9.57 17.89
CA ILE A 346 5.90 8.60 16.85
C ILE A 346 7.13 7.79 17.27
N SER A 347 8.18 8.48 17.75
CA SER A 347 9.45 7.81 17.99
C SER A 347 9.69 7.42 19.44
N ASN A 348 8.80 7.79 20.36
CA ASN A 348 8.93 7.46 21.78
C ASN A 348 7.63 6.81 22.22
N PRO A 349 7.51 5.49 22.11
CA PRO A 349 6.24 4.86 22.48
C PRO A 349 5.90 5.15 23.92
N ASP A 350 6.92 5.17 24.77
CA ASP A 350 6.78 5.51 26.18
C ASP A 350 7.01 6.99 26.44
N LEU A 351 6.50 7.87 25.57
CA LEU A 351 6.72 9.30 25.76
C LEU A 351 6.23 9.79 27.12
N VAL A 352 5.10 9.26 27.61
CA VAL A 352 4.59 9.71 28.89
C VAL A 352 5.61 9.42 29.98
N MET A 353 6.12 8.19 30.02
N MET A 353 6.13 8.20 30.03
CA MET A 353 7.13 7.83 31.02
CA MET A 353 7.12 7.86 31.04
C MET A 353 8.39 8.67 30.86
C MET A 353 8.39 8.67 30.87
N ARG A 354 8.82 8.90 29.63
CA ARG A 354 10.03 9.71 29.42
C ARG A 354 9.84 11.13 29.93
N ILE A 355 8.66 11.70 29.70
CA ILE A 355 8.38 13.04 30.22
C ILE A 355 8.37 13.04 31.74
N LYS A 356 7.80 11.98 32.35
CA LYS A 356 7.77 11.89 33.80
C LYS A 356 9.19 11.81 34.39
N LEU A 357 10.04 10.99 33.79
CA LEU A 357 11.41 10.83 34.29
C LEU A 357 12.37 11.90 33.78
N ASN A 358 11.94 12.73 32.83
CA ASN A 358 12.83 13.62 32.10
C ASN A 358 13.98 12.84 31.47
N ALA A 359 13.62 11.71 30.83
CA ALA A 359 14.58 10.85 30.16
C ALA A 359 14.80 11.34 28.74
N PRO A 360 15.96 11.08 28.15
CA PRO A 360 16.20 11.54 26.78
C PRO A 360 15.26 10.89 25.78
N LEU A 361 14.88 11.65 24.76
CA LEU A 361 13.93 11.21 23.75
C LEU A 361 14.64 10.72 22.48
N ASN A 362 14.00 9.80 21.78
CA ASN A 362 14.50 9.27 20.51
C ASN A 362 14.09 10.15 19.34
N LYS A 363 14.99 10.23 18.35
CA LYS A 363 14.69 10.93 17.12
C LYS A 363 13.62 10.18 16.31
N TYR A 364 12.86 10.94 15.53
CA TYR A 364 11.86 10.38 14.62
C TYR A 364 12.33 10.49 13.17
N ASN A 365 11.87 9.56 12.34
N ASN A 365 11.84 9.57 12.34
CA ASN A 365 12.27 9.46 10.93
CA ASN A 365 12.26 9.46 10.95
C ASN A 365 11.08 9.83 10.05
C ASN A 365 11.07 9.83 10.05
N ARG A 366 11.10 11.07 9.52
CA ARG A 366 10.02 11.54 8.68
C ARG A 366 9.78 10.63 7.47
N LYS A 367 10.83 9.95 6.97
CA LYS A 367 10.66 9.15 5.77
C LYS A 367 9.68 8.01 5.96
N THR A 368 9.42 7.58 7.20
CA THR A 368 8.51 6.48 7.44
C THR A 368 7.23 6.93 8.15
N PHE A 369 6.92 8.23 8.10
CA PHE A 369 5.66 8.71 8.67
C PHE A 369 4.46 8.10 7.95
N PHE A 370 4.50 8.00 6.61
CA PHE A 370 3.34 7.65 5.81
C PHE A 370 3.54 6.40 4.94
N THR A 371 4.55 5.60 5.23
CA THR A 371 4.76 4.36 4.52
C THR A 371 3.81 3.28 5.07
N GLN A 372 3.79 2.11 4.42
CA GLN A 372 2.77 1.09 4.76
C GLN A 372 3.29 -0.03 5.64
N ASP A 373 4.59 -0.09 5.93
CA ASP A 373 5.13 -1.23 6.65
C ASP A 373 4.50 -1.34 8.03
N PRO A 374 4.04 -2.54 8.43
CA PRO A 374 3.39 -2.67 9.74
C PRO A 374 4.36 -2.55 10.91
N VAL A 375 5.67 -2.60 10.67
CA VAL A 375 6.67 -2.55 11.74
C VAL A 375 7.62 -1.37 11.56
N VAL A 376 8.26 -1.27 10.40
CA VAL A 376 9.38 -0.36 10.22
C VAL A 376 8.91 1.09 10.30
N GLY A 377 9.46 1.84 11.26
CA GLY A 377 9.06 3.21 11.49
C GLY A 377 7.71 3.36 12.12
N TYR A 378 7.14 2.27 12.64
CA TYR A 378 5.80 2.30 13.20
C TYR A 378 5.80 1.73 14.60
N THR A 379 6.14 0.45 14.75
CA THR A 379 6.20 -0.18 16.06
C THR A 379 7.60 -0.55 16.51
N ASP A 380 8.64 -0.21 15.74
CA ASP A 380 9.99 -0.63 16.07
C ASP A 380 10.84 0.46 16.69
N TYR A 381 10.25 1.59 17.06
CA TYR A 381 10.98 2.55 17.88
C TYR A 381 11.05 2.01 19.30
N PRO A 382 12.23 2.01 19.93
CA PRO A 382 12.39 1.28 21.19
C PRO A 382 11.86 2.04 22.39
N PHE A 383 11.46 1.27 23.39
CA PHE A 383 11.20 1.78 24.73
C PHE A 383 12.51 2.11 25.44
N LEU A 384 12.40 2.80 26.57
CA LEU A 384 13.54 2.97 27.45
C LEU A 384 14.06 1.62 27.92
N GLN A 385 15.37 1.54 28.09
CA GLN A 385 16.02 0.33 28.61
C GLN A 385 15.60 0.09 30.07
N ASN B 9 -13.84 0.74 -29.04
CA ASN B 9 -12.46 0.32 -29.21
C ASN B 9 -12.00 -0.59 -28.09
N ASN B 10 -11.32 -1.67 -28.46
CA ASN B 10 -10.81 -2.66 -27.52
C ASN B 10 -9.53 -2.13 -26.87
N PRO B 11 -9.54 -1.88 -25.57
CA PRO B 11 -8.35 -1.32 -24.92
C PRO B 11 -7.15 -2.26 -24.92
N LEU B 12 -7.35 -3.56 -25.15
CA LEU B 12 -6.20 -4.43 -25.30
C LEU B 12 -5.38 -4.11 -26.54
N PHE B 13 -5.93 -3.34 -27.47
CA PHE B 13 -5.24 -2.96 -28.69
C PHE B 13 -4.83 -1.50 -28.71
N SER B 14 -4.86 -0.85 -27.57
N SER B 14 -4.88 -0.85 -27.56
CA SER B 14 -4.24 0.47 -27.48
CA SER B 14 -4.19 0.41 -27.38
C SER B 14 -2.74 0.30 -27.23
C SER B 14 -2.70 0.15 -27.30
N PRO B 15 -1.88 0.92 -28.04
N PRO B 15 -1.88 0.95 -27.99
CA PRO B 15 -0.43 0.73 -27.86
CA PRO B 15 -0.43 0.78 -27.87
C PRO B 15 0.03 1.12 -26.46
C PRO B 15 0.04 1.14 -26.47
N TYR B 16 1.17 0.55 -26.07
CA TYR B 16 1.71 0.76 -24.74
C TYR B 16 3.23 0.78 -24.79
N LYS B 17 3.82 1.77 -24.14
CA LYS B 17 5.27 1.92 -24.10
C LYS B 17 5.79 1.22 -22.84
N MET B 18 6.37 0.03 -23.02
CA MET B 18 7.00 -0.69 -21.92
C MET B 18 8.49 -0.31 -21.96
N GLY B 19 8.78 0.86 -21.38
CA GLY B 19 10.12 1.42 -21.44
C GLY B 19 10.50 1.81 -22.84
N LYS B 20 11.60 1.24 -23.37
CA LYS B 20 11.98 1.52 -24.74
C LYS B 20 11.26 0.64 -25.76
N PHE B 21 10.40 -0.26 -25.31
CA PHE B 21 9.68 -1.16 -26.20
C PHE B 21 8.28 -0.63 -26.44
N ASN B 22 7.99 -0.20 -27.66
CA ASN B 22 6.64 0.28 -27.99
C ASN B 22 5.80 -0.91 -28.47
N LEU B 23 4.95 -1.40 -27.58
CA LEU B 23 4.11 -2.55 -27.91
C LEU B 23 2.86 -2.11 -28.66
N SER B 24 2.43 -2.95 -29.61
N SER B 24 2.43 -2.94 -29.62
CA SER B 24 1.25 -2.67 -30.42
CA SER B 24 1.24 -2.63 -30.39
C SER B 24 -0.05 -3.13 -29.77
C SER B 24 -0.04 -3.00 -29.66
N HIS B 25 0.03 -3.93 -28.71
CA HIS B 25 -1.15 -4.41 -28.00
C HIS B 25 -0.68 -4.94 -26.66
N ARG B 26 -1.65 -5.26 -25.80
N ARG B 26 -1.66 -5.26 -25.81
CA ARG B 26 -1.36 -5.56 -24.41
CA ARG B 26 -1.42 -5.54 -24.40
C ARG B 26 -1.61 -7.02 -24.05
C ARG B 26 -1.47 -7.03 -24.05
N VAL B 27 -1.65 -7.90 -25.04
CA VAL B 27 -1.82 -9.33 -24.82
C VAL B 27 -0.44 -9.97 -24.78
N VAL B 28 -0.07 -10.53 -23.64
CA VAL B 28 1.29 -11.03 -23.39
C VAL B 28 1.23 -12.56 -23.31
N LEU B 29 2.23 -13.22 -23.91
CA LEU B 29 2.40 -14.66 -23.68
C LEU B 29 3.02 -14.86 -22.30
N ALA B 30 2.27 -15.46 -21.39
CA ALA B 30 2.77 -15.72 -20.05
C ALA B 30 3.87 -16.79 -20.09
N PRO B 31 4.84 -16.74 -19.17
CA PRO B 31 5.89 -17.76 -19.16
C PRO B 31 5.28 -19.13 -18.83
N MET B 32 5.58 -20.15 -19.65
CA MET B 32 5.03 -21.49 -19.40
C MET B 32 6.05 -22.59 -19.65
N THR B 33 6.35 -23.32 -18.58
CA THR B 33 7.14 -24.54 -18.69
C THR B 33 6.38 -25.56 -19.53
N ARG B 34 7.03 -26.07 -20.58
CA ARG B 34 6.42 -27.07 -21.46
C ARG B 34 7.26 -28.33 -21.63
N CYS B 35 8.53 -28.33 -21.22
CA CYS B 35 9.34 -29.55 -21.13
C CYS B 35 9.69 -30.13 -22.50
N ARG B 36 9.84 -29.30 -23.54
CA ARG B 36 10.30 -29.76 -24.84
C ARG B 36 11.79 -29.49 -25.08
N ALA B 37 12.47 -28.83 -24.13
CA ALA B 37 13.89 -28.47 -24.30
C ALA B 37 14.75 -29.64 -23.83
N LEU B 38 14.82 -30.67 -24.69
CA LEU B 38 15.46 -31.93 -24.31
C LEU B 38 16.89 -31.72 -23.82
N ASN B 39 17.20 -32.32 -22.67
CA ASN B 39 18.53 -32.28 -22.05
C ASN B 39 18.93 -30.85 -21.69
N ASN B 40 17.93 -30.01 -21.42
CA ASN B 40 18.09 -28.61 -21.06
C ASN B 40 18.61 -27.76 -22.20
N ILE B 41 18.60 -28.27 -23.42
CA ILE B 41 19.02 -27.52 -24.60
C ILE B 41 17.79 -27.05 -25.33
N PRO B 42 17.65 -25.76 -25.61
CA PRO B 42 16.56 -25.29 -26.47
C PRO B 42 16.59 -26.02 -27.81
N GLN B 43 15.42 -26.43 -28.26
CA GLN B 43 15.27 -27.24 -29.47
C GLN B 43 14.54 -26.45 -30.55
N ALA B 44 14.68 -26.93 -31.79
CA ALA B 44 13.97 -26.29 -32.91
C ALA B 44 12.47 -26.19 -32.65
N ALA B 45 11.90 -27.17 -31.93
CA ALA B 45 10.47 -27.12 -31.62
C ALA B 45 10.10 -25.85 -30.89
N LEU B 46 10.95 -25.39 -29.97
CA LEU B 46 10.66 -24.14 -29.27
C LEU B 46 10.59 -22.97 -30.23
N GLY B 47 11.46 -22.96 -31.24
CA GLY B 47 11.41 -21.88 -32.23
C GLY B 47 10.10 -21.86 -32.97
N GLU B 48 9.62 -23.04 -33.40
CA GLU B 48 8.32 -23.09 -34.06
C GLU B 48 7.21 -22.62 -33.13
N TYR B 49 7.25 -23.06 -31.87
CA TYR B 49 6.21 -22.71 -30.90
C TYR B 49 6.15 -21.20 -30.64
N TYR B 50 7.30 -20.58 -30.35
CA TYR B 50 7.29 -19.14 -30.09
C TYR B 50 7.00 -18.35 -31.35
N GLU B 51 7.50 -18.81 -32.50
CA GLU B 51 7.18 -18.15 -33.77
C GLU B 51 5.67 -18.15 -34.05
N GLN B 52 4.99 -19.27 -33.79
CA GLN B 52 3.55 -19.33 -34.02
C GLN B 52 2.80 -18.28 -33.22
N ARG B 53 3.29 -17.97 -32.03
CA ARG B 53 2.60 -17.10 -31.09
C ARG B 53 3.05 -15.65 -31.17
N ALA B 54 4.17 -15.39 -31.83
CA ALA B 54 4.70 -14.03 -31.98
C ALA B 54 3.82 -13.18 -32.89
N THR B 55 3.70 -11.90 -32.52
CA THR B 55 3.02 -10.90 -33.33
C THR B 55 3.88 -9.65 -33.36
N ALA B 56 3.67 -8.84 -34.39
CA ALA B 56 4.45 -7.61 -34.51
C ALA B 56 4.05 -6.64 -33.39
N GLY B 57 5.02 -6.26 -32.58
CA GLY B 57 4.75 -5.43 -31.43
C GLY B 57 4.12 -6.15 -30.27
N GLY B 58 4.09 -7.48 -30.29
CA GLY B 58 3.59 -8.26 -29.17
C GLY B 58 4.73 -8.70 -28.26
N PHE B 59 4.42 -8.85 -26.98
CA PHE B 59 5.41 -9.21 -25.97
C PHE B 59 5.26 -10.68 -25.59
N LEU B 60 6.37 -11.42 -25.63
CA LEU B 60 6.42 -12.83 -25.23
C LEU B 60 7.39 -13.00 -24.07
N ILE B 61 7.02 -13.83 -23.09
CA ILE B 61 7.91 -14.24 -22.02
C ILE B 61 8.12 -15.74 -22.15
N THR B 62 9.39 -16.17 -22.12
CA THR B 62 9.66 -17.60 -22.29
C THR B 62 9.29 -18.37 -21.02
N GLU B 63 9.16 -19.69 -21.21
CA GLU B 63 9.20 -20.67 -20.14
C GLU B 63 10.34 -20.38 -19.15
N GLY B 64 10.15 -20.77 -17.89
CA GLY B 64 11.23 -20.66 -16.93
C GLY B 64 12.50 -21.34 -17.42
N THR B 65 13.64 -20.67 -17.23
CA THR B 65 14.90 -21.13 -17.80
C THR B 65 15.95 -21.22 -16.69
N MET B 66 16.65 -22.36 -16.66
CA MET B 66 17.63 -22.62 -15.60
C MET B 66 18.77 -21.61 -15.61
N ILE B 67 19.19 -21.19 -14.42
CA ILE B 67 20.35 -20.32 -14.26
C ILE B 67 21.61 -21.07 -13.86
N SER B 68 21.51 -22.36 -13.59
CA SER B 68 22.63 -23.15 -13.07
C SER B 68 22.25 -24.63 -13.08
N PRO B 69 23.21 -25.54 -12.89
CA PRO B 69 22.86 -26.97 -12.90
C PRO B 69 21.95 -27.43 -11.79
N THR B 70 21.78 -26.65 -10.70
CA THR B 70 20.94 -27.03 -9.58
C THR B 70 19.56 -26.38 -9.63
N SER B 71 19.23 -25.66 -10.69
N SER B 71 19.25 -25.66 -10.71
CA SER B 71 18.05 -24.81 -10.67
CA SER B 71 18.07 -24.79 -10.76
C SER B 71 16.79 -25.47 -11.21
C SER B 71 16.77 -25.52 -11.08
N ALA B 72 16.84 -26.74 -11.62
CA ALA B 72 15.70 -27.37 -12.26
C ALA B 72 14.90 -28.27 -11.33
N GLY B 73 13.59 -28.31 -11.59
CA GLY B 73 12.70 -29.21 -10.89
C GLY B 73 11.62 -29.79 -11.81
N PHE B 74 11.88 -29.74 -13.11
CA PHE B 74 11.02 -30.29 -14.14
C PHE B 74 11.94 -30.91 -15.19
N PRO B 75 11.44 -31.87 -15.96
CA PRO B 75 12.28 -32.51 -16.98
C PRO B 75 12.35 -31.64 -18.23
N HIS B 76 13.55 -31.57 -18.83
CA HIS B 76 13.69 -31.04 -20.18
C HIS B 76 13.24 -29.58 -20.28
N VAL B 77 13.61 -28.81 -19.25
CA VAL B 77 13.42 -27.37 -19.26
C VAL B 77 14.72 -26.74 -19.74
N PRO B 78 14.66 -25.63 -20.47
CA PRO B 78 15.89 -25.06 -21.03
C PRO B 78 16.72 -24.40 -19.94
N GLY B 79 18.03 -24.34 -20.20
CA GLY B 79 18.94 -23.52 -19.43
C GLY B 79 19.47 -22.36 -20.28
N ILE B 80 20.11 -21.42 -19.59
CA ILE B 80 20.84 -20.37 -20.28
C ILE B 80 22.15 -20.10 -19.57
N PHE B 81 22.73 -21.15 -18.97
CA PHE B 81 23.99 -21.03 -18.27
C PHE B 81 25.19 -21.60 -19.03
N THR B 82 24.97 -22.23 -20.19
CA THR B 82 26.07 -22.73 -21.01
C THR B 82 26.09 -22.03 -22.36
N LYS B 83 27.25 -22.04 -23.01
N LYS B 83 27.26 -22.04 -23.01
CA LYS B 83 27.34 -21.42 -24.33
CA LYS B 83 27.35 -21.44 -24.33
C LYS B 83 26.57 -22.22 -25.37
C LYS B 83 26.55 -22.22 -25.36
N GLU B 84 26.47 -23.54 -25.21
CA GLU B 84 25.62 -24.34 -26.10
C GLU B 84 24.17 -23.89 -26.01
N GLN B 85 23.68 -23.63 -24.80
CA GLN B 85 22.31 -23.15 -24.64
C GLN B 85 22.13 -21.76 -25.25
N VAL B 86 23.10 -20.86 -25.04
CA VAL B 86 23.04 -19.52 -25.63
C VAL B 86 22.95 -19.61 -27.15
N ARG B 87 23.78 -20.45 -27.76
CA ARG B 87 23.76 -20.61 -29.22
C ARG B 87 22.40 -21.05 -29.73
N GLU B 88 21.76 -22.00 -29.03
CA GLU B 88 20.47 -22.48 -29.51
C GLU B 88 19.36 -21.48 -29.24
N TRP B 89 19.43 -20.77 -28.11
CA TRP B 89 18.46 -19.72 -27.85
C TRP B 89 18.52 -18.64 -28.93
N LYS B 90 19.72 -18.34 -29.42
CA LYS B 90 19.87 -17.28 -30.43
C LYS B 90 19.04 -17.58 -31.65
N LYS B 91 18.98 -18.85 -32.08
CA LYS B 91 18.18 -19.22 -33.23
C LYS B 91 16.70 -18.97 -32.99
N ILE B 92 16.24 -19.24 -31.76
CA ILE B 92 14.83 -19.02 -31.44
C ILE B 92 14.50 -17.54 -31.37
N VAL B 93 15.38 -16.77 -30.72
CA VAL B 93 15.15 -15.33 -30.62
C VAL B 93 15.11 -14.69 -32.01
N ASP B 94 15.96 -15.18 -32.93
CA ASP B 94 16.00 -14.61 -34.26
C ASP B 94 14.66 -14.79 -34.99
N VAL B 95 14.06 -15.98 -34.89
CA VAL B 95 12.79 -16.18 -35.59
C VAL B 95 11.68 -15.36 -34.97
N VAL B 96 11.72 -15.16 -33.65
CA VAL B 96 10.71 -14.33 -33.00
C VAL B 96 10.89 -12.87 -33.39
N HIS B 97 12.13 -12.39 -33.41
CA HIS B 97 12.39 -11.01 -33.80
C HIS B 97 12.02 -10.76 -35.25
N ALA B 98 12.19 -11.75 -36.13
CA ALA B 98 11.77 -11.61 -37.52
C ALA B 98 10.28 -11.32 -37.65
N LYS B 99 9.47 -11.74 -36.67
CA LYS B 99 8.04 -11.43 -36.64
C LYS B 99 7.74 -10.09 -35.96
N GLY B 100 8.74 -9.41 -35.42
CA GLY B 100 8.54 -8.12 -34.79
C GLY B 100 8.15 -8.16 -33.33
N ALA B 101 8.24 -9.33 -32.69
CA ALA B 101 7.88 -9.44 -31.30
C ALA B 101 9.03 -9.04 -30.40
N VAL B 102 8.69 -8.69 -29.16
CA VAL B 102 9.65 -8.47 -28.09
C VAL B 102 9.61 -9.71 -27.22
N ILE B 103 10.78 -10.20 -26.79
CA ILE B 103 10.84 -11.44 -26.03
C ILE B 103 11.80 -11.33 -24.86
N PHE B 104 11.32 -11.70 -23.67
CA PHE B 104 12.13 -11.75 -22.47
C PHE B 104 12.28 -13.21 -22.06
N CYS B 105 13.44 -13.54 -21.50
CA CYS B 105 13.69 -14.89 -20.98
C CYS B 105 13.45 -14.89 -19.47
N GLN B 106 12.60 -15.80 -18.98
CA GLN B 106 12.38 -15.89 -17.55
C GLN B 106 13.45 -16.75 -16.90
N LEU B 107 14.16 -16.19 -15.91
CA LEU B 107 15.21 -16.89 -15.17
C LEU B 107 14.59 -17.54 -13.94
N TRP B 108 14.76 -18.86 -13.81
CA TRP B 108 13.99 -19.66 -12.86
C TRP B 108 14.91 -20.59 -12.08
N HIS B 109 14.91 -20.46 -10.75
CA HIS B 109 15.51 -21.44 -9.86
C HIS B 109 14.40 -21.97 -8.96
N VAL B 110 14.21 -23.28 -8.96
CA VAL B 110 13.12 -23.90 -8.20
C VAL B 110 13.40 -24.07 -6.71
N GLY B 111 14.64 -23.91 -6.27
CA GLY B 111 14.94 -24.16 -4.86
C GLY B 111 14.54 -25.56 -4.43
N ARG B 112 13.79 -25.65 -3.33
CA ARG B 112 13.42 -26.94 -2.76
C ARG B 112 12.38 -27.69 -3.58
N ALA B 113 11.80 -27.07 -4.60
CA ALA B 113 10.81 -27.73 -5.44
C ALA B 113 11.52 -28.53 -6.52
N SER B 114 12.30 -29.52 -6.07
CA SER B 114 13.06 -30.37 -6.98
C SER B 114 13.10 -31.78 -6.41
N HIS B 115 13.99 -32.60 -6.96
CA HIS B 115 14.11 -33.99 -6.59
C HIS B 115 15.53 -34.42 -6.91
N GLU B 116 15.99 -35.47 -6.23
CA GLU B 116 17.31 -36.02 -6.51
C GLU B 116 17.52 -36.28 -8.01
N VAL B 117 16.47 -36.74 -8.70
CA VAL B 117 16.59 -37.05 -10.13
C VAL B 117 16.93 -35.83 -10.97
N TYR B 118 16.62 -34.63 -10.47
CA TYR B 118 16.89 -33.40 -11.20
C TYR B 118 18.18 -32.71 -10.79
N GLN B 119 18.89 -33.24 -9.79
CA GLN B 119 20.05 -32.56 -9.25
C GLN B 119 21.34 -33.27 -9.61
N PRO B 120 22.42 -32.52 -9.85
CA PRO B 120 23.72 -33.15 -10.13
C PRO B 120 24.12 -34.08 -9.00
N ALA B 121 24.57 -35.28 -9.37
CA ALA B 121 25.01 -36.31 -8.42
C ALA B 121 23.91 -36.73 -7.46
N GLY B 122 22.66 -36.46 -7.79
CA GLY B 122 21.57 -36.81 -6.89
C GLY B 122 21.59 -36.06 -5.58
N ALA B 123 22.20 -34.88 -5.54
CA ALA B 123 22.30 -34.11 -4.31
C ALA B 123 20.93 -33.55 -3.92
N ALA B 124 20.84 -33.12 -2.67
CA ALA B 124 19.63 -32.47 -2.19
C ALA B 124 19.46 -31.11 -2.87
N PRO B 125 18.23 -30.70 -3.16
CA PRO B 125 17.98 -29.34 -3.66
C PRO B 125 18.32 -28.32 -2.58
N ILE B 126 18.49 -27.06 -3.01
CA ILE B 126 18.87 -25.99 -2.10
C ILE B 126 17.68 -25.10 -1.77
N SER B 127 17.74 -24.44 -0.62
CA SER B 127 16.66 -23.57 -0.20
C SER B 127 17.15 -22.62 0.88
N SER B 128 16.22 -21.78 1.34
CA SER B 128 16.45 -20.93 2.50
C SER B 128 16.42 -21.73 3.79
N THR B 129 15.82 -22.91 3.74
CA THR B 129 15.39 -23.67 4.90
C THR B 129 15.72 -25.13 4.66
N GLU B 130 15.67 -25.93 5.73
CA GLU B 130 15.66 -27.39 5.60
C GLU B 130 14.26 -27.98 5.57
N LYS B 131 13.22 -27.15 5.65
CA LYS B 131 11.86 -27.66 5.62
C LYS B 131 11.50 -28.13 4.20
N PRO B 132 11.01 -29.36 4.02
CA PRO B 132 10.55 -29.79 2.71
C PRO B 132 9.13 -29.31 2.44
N ILE B 133 8.80 -29.23 1.15
CA ILE B 133 7.39 -29.15 0.77
C ILE B 133 6.67 -30.35 1.35
N SER B 134 5.46 -30.13 1.86
CA SER B 134 4.74 -31.22 2.52
C SER B 134 4.23 -32.23 1.49
N ASN B 135 3.81 -33.38 2.01
CA ASN B 135 3.38 -34.49 1.16
C ASN B 135 2.07 -34.24 0.44
N ARG B 136 1.37 -33.13 0.77
CA ARG B 136 0.23 -32.71 -0.03
C ARG B 136 0.59 -32.50 -1.49
N TRP B 137 1.84 -32.17 -1.78
CA TRP B 137 2.30 -31.86 -3.13
C TRP B 137 3.24 -32.95 -3.61
N ARG B 138 3.15 -33.29 -4.91
CA ARG B 138 3.99 -34.30 -5.52
C ARG B 138 4.66 -33.71 -6.76
N ILE B 139 5.88 -34.18 -7.04
CA ILE B 139 6.67 -33.64 -8.15
C ILE B 139 6.55 -34.56 -9.37
N LEU B 140 6.38 -33.96 -10.54
CA LEU B 140 6.38 -34.72 -11.78
C LEU B 140 7.78 -35.25 -12.07
N MET B 141 7.88 -36.56 -12.31
CA MET B 141 9.13 -37.24 -12.60
C MET B 141 9.34 -37.35 -14.11
N PRO B 142 10.57 -37.62 -14.56
CA PRO B 142 10.82 -37.70 -16.01
C PRO B 142 10.05 -38.82 -16.70
N ASP B 143 9.65 -39.86 -15.98
CA ASP B 143 8.88 -40.93 -16.60
C ASP B 143 7.38 -40.70 -16.57
N GLY B 144 6.91 -39.55 -16.09
CA GLY B 144 5.50 -39.27 -16.02
C GLY B 144 4.82 -39.68 -14.73
N THR B 145 5.52 -40.36 -13.84
CA THR B 145 4.98 -40.63 -12.52
C THR B 145 5.18 -39.41 -11.64
N HIS B 146 4.76 -39.53 -10.39
CA HIS B 146 4.92 -38.45 -9.42
C HIS B 146 5.70 -38.95 -8.21
N GLY B 147 6.62 -38.11 -7.75
CA GLY B 147 7.49 -38.43 -6.65
C GLY B 147 7.31 -37.50 -5.46
N ILE B 148 8.18 -37.68 -4.48
CA ILE B 148 8.10 -36.99 -3.20
C ILE B 148 9.16 -35.90 -3.16
N TYR B 149 8.76 -34.68 -2.78
CA TYR B 149 9.74 -33.61 -2.62
C TYR B 149 10.63 -33.91 -1.43
N PRO B 150 11.96 -33.88 -1.58
CA PRO B 150 12.86 -34.21 -0.49
C PRO B 150 13.15 -33.02 0.42
N LYS B 151 13.84 -33.33 1.52
CA LYS B 151 14.35 -32.29 2.41
C LYS B 151 15.44 -31.51 1.70
N PRO B 152 15.34 -30.18 1.63
CA PRO B 152 16.40 -29.39 0.99
C PRO B 152 17.52 -29.06 1.97
N ARG B 153 18.61 -28.57 1.40
CA ARG B 153 19.78 -28.10 2.14
C ARG B 153 19.69 -26.57 2.24
N ALA B 154 19.78 -26.06 3.47
CA ALA B 154 19.69 -24.62 3.71
C ALA B 154 21.05 -23.98 3.45
N ILE B 155 21.09 -23.00 2.56
CA ILE B 155 22.35 -22.45 2.08
C ILE B 155 22.81 -21.30 2.96
N GLY B 156 24.14 -21.14 3.06
CA GLY B 156 24.72 -20.02 3.77
C GLY B 156 24.89 -18.80 2.88
N THR B 157 25.46 -17.73 3.47
CA THR B 157 25.52 -16.47 2.73
C THR B 157 26.52 -16.49 1.59
N TYR B 158 27.59 -17.29 1.70
CA TYR B 158 28.49 -17.41 0.55
C TYR B 158 27.74 -18.02 -0.63
N GLU B 159 27.02 -19.12 -0.38
CA GLU B 159 26.28 -19.77 -1.45
C GLU B 159 25.16 -18.88 -1.98
N ILE B 160 24.51 -18.10 -1.10
CA ILE B 160 23.54 -17.11 -1.59
C ILE B 160 24.19 -16.17 -2.59
N SER B 161 25.40 -15.67 -2.26
CA SER B 161 26.06 -14.76 -3.20
C SER B 161 26.39 -15.46 -4.51
N GLN B 162 26.69 -16.77 -4.46
CA GLN B 162 26.93 -17.51 -5.69
C GLN B 162 25.66 -17.61 -6.53
N VAL B 163 24.51 -17.81 -5.88
CA VAL B 163 23.26 -17.89 -6.63
C VAL B 163 22.94 -16.54 -7.28
N VAL B 164 23.13 -15.44 -6.53
CA VAL B 164 22.97 -14.11 -7.12
C VAL B 164 23.82 -13.97 -8.37
N GLU B 165 25.08 -14.43 -8.29
CA GLU B 165 25.96 -14.37 -9.46
C GLU B 165 25.43 -15.25 -10.60
N ASP B 166 24.79 -16.38 -10.28
CA ASP B 166 24.19 -17.19 -11.34
C ASP B 166 23.10 -16.43 -12.07
N TYR B 167 22.26 -15.69 -11.34
CA TYR B 167 21.28 -14.84 -12.00
C TYR B 167 21.96 -13.80 -12.87
N ARG B 168 23.02 -13.16 -12.35
CA ARG B 168 23.68 -12.09 -13.09
C ARG B 168 24.28 -12.62 -14.39
N ARG B 169 24.99 -13.75 -14.32
CA ARG B 169 25.60 -14.32 -15.51
C ARG B 169 24.55 -14.79 -16.50
N SER B 170 23.43 -15.33 -16.01
CA SER B 170 22.37 -15.77 -16.90
C SER B 170 21.71 -14.60 -17.60
N ALA B 171 21.56 -13.47 -16.90
CA ALA B 171 21.01 -12.28 -17.54
C ALA B 171 21.93 -11.80 -18.66
N LEU B 172 23.24 -11.80 -18.41
CA LEU B 172 24.19 -11.42 -19.47
C LEU B 172 24.13 -12.40 -20.63
N ASN B 173 23.99 -13.70 -20.33
CA ASN B 173 23.86 -14.71 -21.39
C ASN B 173 22.59 -14.48 -22.21
N ALA B 174 21.50 -14.08 -21.55
CA ALA B 174 20.26 -13.85 -22.30
C ALA B 174 20.44 -12.71 -23.28
N ILE B 175 21.11 -11.64 -22.85
CA ILE B 175 21.41 -10.53 -23.77
C ILE B 175 22.29 -11.00 -24.91
N GLU B 176 23.27 -11.87 -24.61
CA GLU B 176 24.15 -12.39 -25.65
C GLU B 176 23.37 -13.19 -26.68
N ALA B 177 22.34 -13.91 -26.25
CA ALA B 177 21.49 -14.65 -27.16
C ALA B 177 20.54 -13.76 -27.94
N GLY B 178 20.47 -12.47 -27.62
CA GLY B 178 19.63 -11.54 -28.34
C GLY B 178 18.30 -11.24 -27.68
N PHE B 179 18.02 -11.83 -26.52
CA PHE B 179 16.80 -11.48 -25.81
C PHE B 179 16.71 -9.97 -25.55
N ASP B 180 15.48 -9.46 -25.56
CA ASP B 180 15.25 -8.06 -25.23
C ASP B 180 15.40 -7.79 -23.75
N GLY B 181 15.22 -8.80 -22.90
CA GLY B 181 15.34 -8.61 -21.47
C GLY B 181 15.12 -9.94 -20.78
N ILE B 182 15.07 -9.89 -19.45
CA ILE B 182 14.82 -11.07 -18.65
C ILE B 182 13.72 -10.77 -17.64
N GLU B 183 13.07 -11.84 -17.17
CA GLU B 183 12.13 -11.74 -16.06
C GLU B 183 12.67 -12.58 -14.92
N ILE B 184 12.71 -12.00 -13.72
CA ILE B 184 13.08 -12.75 -12.52
C ILE B 184 11.84 -13.49 -12.01
N HIS B 185 11.89 -14.82 -11.98
CA HIS B 185 10.80 -15.61 -11.43
C HIS B 185 10.94 -15.59 -9.91
N GLY B 186 10.21 -14.67 -9.26
CA GLY B 186 10.26 -14.59 -7.81
C GLY B 186 8.95 -15.03 -7.18
N ALA B 187 8.24 -15.95 -7.82
CA ALA B 187 6.87 -16.28 -7.47
C ALA B 187 6.72 -17.78 -7.18
N HIS B 188 5.50 -18.15 -6.77
CA HIS B 188 5.00 -19.52 -6.87
C HIS B 188 5.76 -20.53 -6.00
N GLY B 189 6.34 -20.09 -4.89
CA GLY B 189 6.99 -21.03 -4.01
C GLY B 189 8.32 -21.55 -4.47
N TYR B 190 8.94 -20.93 -5.47
CA TYR B 190 10.26 -21.34 -5.95
C TYR B 190 11.33 -20.64 -5.09
N LEU B 191 12.60 -20.65 -5.53
CA LEU B 191 13.70 -20.30 -4.61
C LEU B 191 13.53 -18.91 -3.98
N ILE B 192 13.28 -17.90 -4.81
CA ILE B 192 13.14 -16.54 -4.26
C ILE B 192 11.97 -16.49 -3.29
N ASP B 193 10.85 -17.13 -3.63
CA ASP B 193 9.68 -17.11 -2.74
C ASP B 193 9.95 -17.90 -1.46
N GLN B 194 10.87 -18.86 -1.51
CA GLN B 194 11.23 -19.58 -0.28
C GLN B 194 11.97 -18.68 0.71
N PHE B 195 12.60 -17.60 0.23
CA PHE B 195 13.14 -16.57 1.10
C PHE B 195 12.08 -15.56 1.51
N LEU B 196 11.14 -15.23 0.61
CA LEU B 196 10.15 -14.19 0.92
C LEU B 196 9.13 -14.63 1.96
N LYS B 197 8.62 -15.84 1.86
CA LYS B 197 7.42 -16.25 2.60
C LYS B 197 7.78 -16.67 4.02
N ASP B 198 7.12 -16.06 5.01
CA ASP B 198 7.38 -16.44 6.41
C ASP B 198 6.89 -17.84 6.76
N GLY B 199 6.05 -18.45 5.91
CA GLY B 199 5.72 -19.86 6.09
C GLY B 199 6.82 -20.82 5.69
N ILE B 200 7.86 -20.33 5.01
CA ILE B 200 8.98 -21.15 4.55
C ILE B 200 10.28 -20.75 5.25
N ASN B 201 10.56 -19.45 5.27
CA ASN B 201 11.86 -18.93 5.69
C ASN B 201 11.92 -18.91 7.21
N ASP B 202 12.64 -19.88 7.78
CA ASP B 202 12.85 -19.97 9.23
C ASP B 202 14.27 -19.61 9.64
N ARG B 203 14.93 -18.74 8.87
CA ARG B 203 16.32 -18.40 9.12
C ARG B 203 16.47 -17.42 10.29
N THR B 204 17.61 -17.49 10.96
CA THR B 204 17.94 -16.57 12.04
C THR B 204 19.10 -15.64 11.68
N ASP B 205 19.56 -15.65 10.44
CA ASP B 205 20.62 -14.77 10.03
C ASP B 205 20.04 -13.53 9.33
N GLU B 206 20.87 -12.83 8.56
CA GLU B 206 20.44 -11.58 7.95
C GLU B 206 19.46 -11.77 6.80
N TYR B 207 19.16 -13.00 6.41
CA TYR B 207 18.19 -13.27 5.35
C TYR B 207 16.85 -13.75 5.89
N GLY B 208 16.65 -13.75 7.21
CA GLY B 208 15.41 -14.25 7.76
C GLY B 208 15.03 -13.48 9.01
N GLY B 209 13.84 -13.79 9.51
CA GLY B 209 13.29 -13.16 10.68
C GLY B 209 12.31 -12.10 10.26
N SER B 210 12.80 -10.88 10.10
CA SER B 210 11.95 -9.76 9.79
C SER B 210 11.57 -9.76 8.32
N LEU B 211 10.53 -9.01 8.00
CA LEU B 211 10.12 -8.82 6.61
C LEU B 211 11.26 -8.20 5.79
N ALA B 212 11.97 -7.24 6.37
CA ALA B 212 13.07 -6.63 5.66
C ALA B 212 14.15 -7.66 5.32
N ASN B 213 14.46 -8.54 6.27
CA ASN B 213 15.46 -9.57 6.02
C ASN B 213 14.97 -10.57 4.98
N ARG B 214 13.68 -10.90 5.01
CA ARG B 214 13.16 -11.85 4.02
C ARG B 214 13.18 -11.27 2.62
N CYS B 215 13.12 -9.95 2.48
CA CYS B 215 13.20 -9.32 1.17
C CYS B 215 14.63 -9.14 0.67
N LYS B 216 15.64 -9.47 1.49
CA LYS B 216 17.03 -9.22 1.09
C LYS B 216 17.39 -9.96 -0.18
N PHE B 217 17.00 -11.24 -0.28
CA PHE B 217 17.45 -12.04 -1.41
C PHE B 217 16.91 -11.49 -2.73
N ILE B 218 15.59 -11.25 -2.80
CA ILE B 218 15.04 -10.73 -4.06
C ILE B 218 15.64 -9.38 -4.39
N THR B 219 15.88 -8.54 -3.39
CA THR B 219 16.50 -7.25 -3.64
C THR B 219 17.88 -7.41 -4.26
N GLN B 220 18.68 -8.34 -3.71
CA GLN B 220 20.03 -8.56 -4.22
C GLN B 220 20.00 -9.13 -5.63
N VAL B 221 19.05 -10.03 -5.92
CA VAL B 221 18.96 -10.61 -7.25
C VAL B 221 18.59 -9.54 -8.27
N VAL B 222 17.58 -8.74 -7.95
CA VAL B 222 17.14 -7.70 -8.88
C VAL B 222 18.24 -6.67 -9.07
N GLN B 223 18.89 -6.24 -7.99
N GLN B 223 18.91 -6.25 -8.01
CA GLN B 223 19.98 -5.28 -8.11
CA GLN B 223 19.96 -5.26 -8.18
C GLN B 223 21.09 -5.80 -9.02
C GLN B 223 21.10 -5.80 -9.03
N ALA B 224 21.43 -7.08 -8.87
CA ALA B 224 22.52 -7.67 -9.65
C ALA B 224 22.18 -7.67 -11.15
N VAL B 225 20.97 -8.12 -11.51
CA VAL B 225 20.61 -8.13 -12.93
C VAL B 225 20.43 -6.71 -13.48
N VAL B 226 19.91 -5.78 -12.68
CA VAL B 226 19.79 -4.40 -13.13
C VAL B 226 21.16 -3.81 -13.42
N SER B 227 22.13 -4.06 -12.54
CA SER B 227 23.47 -3.55 -12.76
C SER B 227 24.09 -4.16 -14.01
N ALA B 228 23.77 -5.42 -14.32
CA ALA B 228 24.39 -6.11 -15.44
C ALA B 228 23.81 -5.68 -16.78
N ILE B 229 22.48 -5.53 -16.89
CA ILE B 229 21.86 -5.36 -18.20
C ILE B 229 20.98 -4.11 -18.29
N GLY B 230 20.77 -3.40 -17.18
CA GLY B 230 19.95 -2.21 -17.18
C GLY B 230 18.52 -2.47 -16.73
N ALA B 231 17.96 -1.56 -15.93
CA ALA B 231 16.66 -1.80 -15.33
C ALA B 231 15.57 -1.98 -16.38
N ASP B 232 15.65 -1.25 -17.50
CA ASP B 232 14.58 -1.33 -18.50
C ASP B 232 14.55 -2.67 -19.23
N ARG B 233 15.51 -3.55 -18.99
N ARG B 233 15.53 -3.54 -18.99
CA ARG B 233 15.50 -4.89 -19.56
CA ARG B 233 15.55 -4.90 -19.54
C ARG B 233 15.09 -5.95 -18.55
C ARG B 233 15.30 -5.95 -18.46
N VAL B 234 14.69 -5.56 -17.34
CA VAL B 234 14.42 -6.48 -16.23
C VAL B 234 12.96 -6.37 -15.82
N GLY B 235 12.25 -7.48 -15.86
CA GLY B 235 10.93 -7.59 -15.25
C GLY B 235 11.00 -8.47 -14.03
N VAL B 236 10.06 -8.32 -13.10
CA VAL B 236 10.07 -9.08 -11.85
C VAL B 236 8.68 -9.67 -11.63
N ARG B 237 8.61 -10.99 -11.44
CA ARG B 237 7.35 -11.66 -11.13
C ARG B 237 7.29 -12.09 -9.66
N VAL B 238 6.19 -11.75 -8.99
CA VAL B 238 5.94 -12.17 -7.61
C VAL B 238 4.51 -12.67 -7.48
N SER B 239 4.25 -13.39 -6.39
CA SER B 239 2.90 -13.87 -6.06
C SER B 239 2.75 -13.92 -4.55
N PRO B 240 2.51 -12.77 -3.92
N PRO B 240 2.52 -12.77 -3.92
CA PRO B 240 2.48 -12.75 -2.45
CA PRO B 240 2.46 -12.75 -2.45
C PRO B 240 1.36 -13.59 -1.85
C PRO B 240 1.39 -13.64 -1.86
N ALA B 241 0.29 -13.85 -2.58
CA ALA B 241 -0.79 -14.72 -2.12
C ALA B 241 -0.99 -15.79 -3.19
N ILE B 242 -0.56 -17.01 -2.89
CA ILE B 242 -0.62 -18.11 -3.85
C ILE B 242 -0.79 -19.41 -3.08
N ASP B 243 -1.58 -20.33 -3.62
CA ASP B 243 -1.70 -21.67 -3.06
C ASP B 243 -0.88 -22.59 -3.96
N HIS B 244 0.42 -22.68 -3.67
CA HIS B 244 1.32 -23.50 -4.48
C HIS B 244 2.56 -23.85 -3.67
N LEU B 245 2.77 -25.15 -3.46
CA LEU B 245 4.01 -25.67 -2.89
C LEU B 245 4.30 -25.16 -1.48
N ASP B 246 3.24 -24.98 -0.68
CA ASP B 246 3.36 -24.60 0.74
C ASP B 246 4.06 -23.25 0.93
N ALA B 247 3.70 -22.29 0.08
CA ALA B 247 4.35 -20.97 0.07
C ALA B 247 3.41 -19.91 0.60
N MET B 248 3.15 -19.96 1.90
CA MET B 248 2.21 -19.07 2.56
C MET B 248 2.93 -18.00 3.36
N ASP B 249 2.30 -16.84 3.46
CA ASP B 249 2.77 -15.78 4.34
C ASP B 249 1.65 -15.36 5.27
N SER B 250 2.02 -14.94 6.47
CA SER B 250 1.04 -14.51 7.46
C SER B 250 0.37 -13.19 7.08
N ASN B 251 0.98 -12.41 6.21
CA ASN B 251 0.46 -11.09 5.84
C ASN B 251 0.82 -10.84 4.38
N PRO B 252 0.12 -11.49 3.44
CA PRO B 252 0.53 -11.39 2.03
C PRO B 252 0.55 -9.98 1.48
N LEU B 253 -0.40 -9.13 1.89
CA LEU B 253 -0.42 -7.78 1.34
C LEU B 253 0.80 -6.99 1.81
N SER B 254 1.19 -7.11 3.08
CA SER B 254 2.38 -6.40 3.56
C SER B 254 3.65 -6.94 2.92
N LEU B 255 3.71 -8.26 2.69
CA LEU B 255 4.84 -8.83 1.96
C LEU B 255 4.92 -8.22 0.56
N GLY B 256 3.80 -8.21 -0.16
CA GLY B 256 3.80 -7.60 -1.49
C GLY B 256 4.23 -6.14 -1.47
N LEU B 257 3.71 -5.36 -0.52
CA LEU B 257 4.05 -3.94 -0.46
C LEU B 257 5.51 -3.73 -0.10
N ALA B 258 6.09 -4.61 0.73
CA ALA B 258 7.50 -4.51 1.05
C ALA B 258 8.36 -4.77 -0.18
N VAL B 259 7.98 -5.74 -1.01
CA VAL B 259 8.73 -5.96 -2.24
C VAL B 259 8.57 -4.76 -3.18
N VAL B 260 7.34 -4.26 -3.33
CA VAL B 260 7.11 -3.10 -4.19
C VAL B 260 7.95 -1.92 -3.75
N GLU B 261 8.04 -1.66 -2.43
CA GLU B 261 8.88 -0.57 -1.94
C GLU B 261 10.33 -0.75 -2.37
N ARG B 262 10.85 -1.99 -2.26
CA ARG B 262 12.23 -2.25 -2.67
C ARG B 262 12.41 -2.01 -4.16
N LEU B 263 11.46 -2.45 -4.99
CA LEU B 263 11.57 -2.19 -6.42
C LEU B 263 11.52 -0.70 -6.72
N ASN B 264 10.63 0.05 -6.05
CA ASN B 264 10.61 1.50 -6.24
C ASN B 264 11.95 2.13 -5.89
N LYS B 265 12.59 1.66 -4.81
CA LYS B 265 13.88 2.22 -4.40
C LYS B 265 15.00 1.84 -5.36
N ILE B 266 15.00 0.60 -5.86
CA ILE B 266 15.99 0.22 -6.87
C ILE B 266 15.89 1.14 -8.09
N GLN B 267 14.67 1.47 -8.50
CA GLN B 267 14.48 2.32 -9.66
C GLN B 267 14.99 3.73 -9.39
N LEU B 268 14.69 4.28 -8.22
CA LEU B 268 15.17 5.62 -7.89
C LEU B 268 16.69 5.65 -7.85
N HIS B 269 17.32 4.62 -7.28
CA HIS B 269 18.77 4.58 -7.19
C HIS B 269 19.42 4.41 -8.56
N SER B 270 18.81 3.59 -9.44
N SER B 270 18.81 3.59 -9.43
CA SER B 270 19.38 3.34 -10.75
CA SER B 270 19.38 3.34 -10.75
C SER B 270 19.04 4.42 -11.77
C SER B 270 19.05 4.43 -11.76
N GLY B 271 18.10 5.31 -11.44
CA GLY B 271 17.71 6.32 -12.40
C GLY B 271 16.88 5.82 -13.55
N SER B 272 16.26 4.65 -13.41
CA SER B 272 15.51 4.07 -14.51
C SER B 272 14.47 3.11 -13.95
N LYS B 273 13.37 2.98 -14.67
CA LYS B 273 12.32 2.05 -14.26
C LYS B 273 12.64 0.65 -14.78
N LEU B 274 12.25 -0.34 -14.00
CA LEU B 274 12.20 -1.71 -14.49
C LEU B 274 11.26 -1.81 -15.70
N ALA B 275 11.40 -2.91 -16.46
CA ALA B 275 10.45 -3.14 -17.53
C ALA B 275 9.03 -3.27 -16.99
N TYR B 276 8.85 -3.97 -15.87
CA TYR B 276 7.51 -4.19 -15.34
C TYR B 276 7.59 -5.01 -14.05
N LEU B 277 6.48 -4.96 -13.32
CA LEU B 277 6.15 -5.87 -12.24
C LEU B 277 5.00 -6.75 -12.73
N HIS B 278 5.14 -8.07 -12.55
CA HIS B 278 4.20 -9.08 -13.03
C HIS B 278 3.69 -9.82 -11.79
N VAL B 279 2.37 -9.81 -11.57
CA VAL B 279 1.81 -10.40 -10.34
C VAL B 279 0.76 -11.42 -10.70
N THR B 280 0.83 -12.60 -10.06
CA THR B 280 -0.16 -13.65 -10.23
C THR B 280 -1.39 -13.38 -9.37
N GLN B 281 -2.56 -13.45 -9.99
N GLN B 281 -2.55 -13.43 -9.96
CA GLN B 281 -3.82 -13.41 -9.27
CA GLN B 281 -3.76 -13.24 -9.18
C GLN B 281 -3.85 -14.54 -8.25
C GLN B 281 -3.99 -14.47 -8.31
N PRO B 282 -4.27 -14.29 -7.01
CA PRO B 282 -4.34 -15.41 -6.05
C PRO B 282 -5.29 -16.53 -6.43
N ARG B 283 -6.23 -16.29 -7.36
CA ARG B 283 -7.13 -17.35 -7.79
C ARG B 283 -6.44 -18.44 -8.59
N TYR B 284 -5.24 -18.18 -9.11
CA TYR B 284 -4.62 -19.12 -10.04
C TYR B 284 -3.91 -20.25 -9.29
N VAL B 285 -4.24 -21.50 -9.66
CA VAL B 285 -3.57 -22.67 -9.10
C VAL B 285 -3.19 -23.61 -10.24
N ALA B 286 -2.20 -24.46 -9.95
CA ALA B 286 -1.73 -25.44 -10.94
C ALA B 286 -2.71 -26.59 -11.10
N SER B 297 -11.61 -14.56 -0.50
CA SER B 297 -12.74 -14.11 -1.31
C SER B 297 -12.23 -13.33 -2.52
N GLU B 298 -13.11 -13.15 -3.51
CA GLU B 298 -12.73 -12.40 -4.70
C GLU B 298 -12.45 -10.93 -4.38
N GLU B 299 -13.11 -10.38 -3.35
CA GLU B 299 -12.86 -9.00 -2.96
C GLU B 299 -11.45 -8.82 -2.45
N GLU B 300 -11.02 -9.67 -1.51
CA GLU B 300 -9.66 -9.58 -0.99
C GLU B 300 -8.63 -9.78 -2.10
N GLU B 301 -8.90 -10.68 -3.04
CA GLU B 301 -7.98 -10.90 -4.15
C GLU B 301 -7.89 -9.67 -5.04
N ALA B 302 -9.03 -9.06 -5.38
CA ALA B 302 -9.02 -7.84 -6.18
C ALA B 302 -8.37 -6.69 -5.41
N ARG B 303 -8.68 -6.57 -4.11
CA ARG B 303 -8.02 -5.57 -3.28
C ARG B 303 -6.51 -5.69 -3.40
N LEU B 304 -5.99 -6.91 -3.22
CA LEU B 304 -4.55 -7.10 -3.18
C LEU B 304 -3.90 -6.71 -4.50
N MET B 305 -4.49 -7.14 -5.62
CA MET B 305 -3.92 -6.81 -6.93
C MET B 305 -3.88 -5.30 -7.14
N ARG B 306 -4.99 -4.61 -6.86
CA ARG B 306 -5.01 -3.18 -7.14
C ARG B 306 -4.14 -2.41 -6.16
N THR B 307 -4.02 -2.89 -4.92
CA THR B 307 -3.15 -2.23 -3.95
C THR B 307 -1.69 -2.31 -4.39
N LEU B 308 -1.26 -3.49 -4.86
CA LEU B 308 0.11 -3.60 -5.35
C LEU B 308 0.34 -2.74 -6.59
N ARG B 309 -0.61 -2.77 -7.54
CA ARG B 309 -0.47 -1.93 -8.72
C ARG B 309 -0.34 -0.46 -8.35
N ASN B 310 -1.24 0.03 -7.47
CA ASN B 310 -1.22 1.46 -7.09
C ASN B 310 0.05 1.85 -6.37
N ALA B 311 0.70 0.89 -5.70
CA ALA B 311 1.90 1.18 -4.93
C ALA B 311 3.16 1.20 -5.80
N TYR B 312 3.12 0.62 -6.98
CA TYR B 312 4.32 0.39 -7.78
C TYR B 312 4.46 1.47 -8.84
N GLN B 313 5.65 2.08 -8.88
CA GLN B 313 5.95 3.15 -9.84
C GLN B 313 6.42 2.53 -11.16
N GLY B 314 5.47 1.98 -11.91
CA GLY B 314 5.83 1.46 -13.22
C GLY B 314 4.73 0.59 -13.81
N THR B 315 5.14 -0.18 -14.82
CA THR B 315 4.24 -1.02 -15.61
C THR B 315 3.87 -2.27 -14.83
N PHE B 316 2.58 -2.59 -14.84
CA PHE B 316 2.03 -3.72 -14.09
C PHE B 316 1.40 -4.70 -15.08
N ILE B 317 1.82 -5.97 -14.99
CA ILE B 317 1.26 -7.06 -15.77
C ILE B 317 0.50 -7.97 -14.82
N CYS B 318 -0.77 -8.25 -15.12
CA CYS B 318 -1.54 -9.19 -14.33
C CYS B 318 -1.65 -10.52 -15.06
N SER B 319 -1.74 -11.61 -14.29
CA SER B 319 -1.82 -12.95 -14.88
C SER B 319 -2.60 -13.84 -13.94
N GLY B 320 -3.26 -14.83 -14.51
CA GLY B 320 -3.90 -15.84 -13.70
C GLY B 320 -5.41 -15.84 -13.87
N GLY B 321 -5.90 -16.75 -14.71
CA GLY B 321 -7.33 -16.88 -14.93
C GLY B 321 -7.96 -15.82 -15.80
N TYR B 322 -7.17 -15.05 -16.56
CA TYR B 322 -7.76 -14.01 -17.40
C TYR B 322 -8.40 -14.59 -18.65
N THR B 323 -9.45 -13.92 -19.08
CA THR B 323 -10.20 -14.21 -20.29
C THR B 323 -10.16 -12.96 -21.16
N ARG B 324 -10.77 -13.02 -22.34
CA ARG B 324 -10.86 -11.81 -23.15
C ARG B 324 -11.59 -10.71 -22.40
N GLU B 325 -12.75 -11.03 -21.82
CA GLU B 325 -13.54 -10.04 -21.08
C GLU B 325 -12.79 -9.51 -19.86
N LEU B 326 -12.16 -10.41 -19.09
CA LEU B 326 -11.46 -9.95 -17.88
C LEU B 326 -10.22 -9.14 -18.21
N GLY B 327 -9.54 -9.47 -19.32
CA GLY B 327 -8.41 -8.66 -19.73
C GLY B 327 -8.81 -7.27 -20.19
N ILE B 328 -9.89 -7.19 -20.98
CA ILE B 328 -10.42 -5.90 -21.40
C ILE B 328 -10.77 -5.05 -20.18
N GLU B 329 -11.46 -5.66 -19.21
CA GLU B 329 -11.84 -4.91 -18.00
C GLU B 329 -10.62 -4.46 -17.21
N ALA B 330 -9.60 -5.32 -17.12
CA ALA B 330 -8.41 -4.96 -16.35
C ALA B 330 -7.75 -3.71 -16.89
N VAL B 331 -7.61 -3.62 -18.22
CA VAL B 331 -6.98 -2.46 -18.83
C VAL B 331 -7.91 -1.26 -18.78
N ALA B 332 -9.19 -1.46 -19.08
CA ALA B 332 -10.15 -0.35 -19.10
C ALA B 332 -10.28 0.29 -17.72
N GLN B 333 -10.25 -0.51 -16.67
CA GLN B 333 -10.43 0.00 -15.31
C GLN B 333 -9.13 0.51 -14.69
N GLY B 334 -8.02 0.40 -15.41
CA GLY B 334 -6.73 0.82 -14.89
C GLY B 334 -6.09 -0.14 -13.90
N ASP B 335 -6.58 -1.38 -13.84
CA ASP B 335 -6.05 -2.38 -12.91
C ASP B 335 -4.71 -2.94 -13.39
N ALA B 336 -4.43 -2.88 -14.70
CA ALA B 336 -3.17 -3.37 -15.22
C ALA B 336 -2.89 -2.66 -16.54
N ASP B 337 -1.60 -2.62 -16.89
CA ASP B 337 -1.20 -2.11 -18.19
C ASP B 337 -1.14 -3.20 -19.25
N LEU B 338 -0.74 -4.41 -18.85
CA LEU B 338 -0.63 -5.55 -19.76
C LEU B 338 -1.25 -6.75 -19.07
N VAL B 339 -1.74 -7.70 -19.88
CA VAL B 339 -2.41 -8.88 -19.36
C VAL B 339 -1.74 -10.09 -20.00
N SER B 340 -1.23 -11.00 -19.17
CA SER B 340 -0.60 -12.20 -19.71
C SER B 340 -1.54 -13.38 -19.63
N TYR B 341 -1.52 -14.20 -20.69
CA TYR B 341 -2.37 -15.37 -20.84
C TYR B 341 -1.49 -16.60 -20.96
N GLY B 342 -1.89 -17.65 -20.23
CA GLY B 342 -1.18 -18.92 -20.27
C GLY B 342 -1.92 -19.98 -21.05
N ARG B 343 -2.84 -20.68 -20.37
CA ARG B 343 -3.47 -21.86 -20.97
C ARG B 343 -4.11 -21.57 -22.33
N LEU B 344 -4.80 -20.44 -22.47
CA LEU B 344 -5.43 -20.16 -23.76
C LEU B 344 -4.39 -19.91 -24.86
N PHE B 345 -3.20 -19.45 -24.49
CA PHE B 345 -2.12 -19.30 -25.47
C PHE B 345 -1.49 -20.64 -25.85
N ILE B 346 -1.58 -21.64 -24.97
CA ILE B 346 -1.15 -22.99 -25.35
C ILE B 346 -1.94 -23.47 -26.56
N SER B 347 -3.26 -23.30 -26.53
CA SER B 347 -4.12 -23.92 -27.54
C SER B 347 -4.55 -22.98 -28.65
N ASN B 348 -4.23 -21.70 -28.55
CA ASN B 348 -4.58 -20.72 -29.58
C ASN B 348 -3.31 -20.00 -29.96
N PRO B 349 -2.57 -20.51 -30.96
CA PRO B 349 -1.32 -19.84 -31.31
C PRO B 349 -1.55 -18.41 -31.74
N ASP B 350 -2.68 -18.17 -32.41
CA ASP B 350 -3.11 -16.82 -32.79
C ASP B 350 -4.06 -16.21 -31.77
N LEU B 351 -3.77 -16.38 -30.47
CA LEU B 351 -4.64 -15.83 -29.43
C LEU B 351 -4.84 -14.32 -29.60
N VAL B 352 -3.79 -13.60 -30.00
CA VAL B 352 -3.92 -12.15 -30.14
C VAL B 352 -4.97 -11.82 -31.19
N MET B 353 -4.87 -12.44 -32.37
CA MET B 353 -5.85 -12.20 -33.43
C MET B 353 -7.24 -12.63 -32.99
N ARG B 354 -7.35 -13.77 -32.30
CA ARG B 354 -8.67 -14.20 -31.85
C ARG B 354 -9.29 -13.20 -30.88
N ILE B 355 -8.49 -12.65 -29.98
CA ILE B 355 -9.01 -11.64 -29.06
C ILE B 355 -9.43 -10.38 -29.82
N LYS B 356 -8.63 -9.99 -30.82
CA LYS B 356 -8.97 -8.81 -31.62
C LYS B 356 -10.30 -8.99 -32.34
N LEU B 357 -10.51 -10.16 -32.94
CA LEU B 357 -11.73 -10.44 -33.69
C LEU B 357 -12.87 -10.91 -32.82
N ASN B 358 -12.63 -11.18 -31.54
CA ASN B 358 -13.58 -11.88 -30.68
C ASN B 358 -14.03 -13.20 -31.32
N ALA B 359 -13.02 -13.96 -31.83
CA ALA B 359 -13.24 -15.26 -32.48
C ALA B 359 -13.25 -16.36 -31.42
N PRO B 360 -13.94 -17.47 -31.70
CA PRO B 360 -13.99 -18.57 -30.73
C PRO B 360 -12.60 -19.17 -30.48
N LEU B 361 -12.36 -19.57 -29.23
CA LEU B 361 -11.08 -20.11 -28.80
C LEU B 361 -11.09 -21.64 -28.76
N ASN B 362 -9.92 -22.23 -28.99
CA ASN B 362 -9.75 -23.68 -28.94
C ASN B 362 -9.48 -24.15 -27.53
N LYS B 363 -10.00 -25.33 -27.21
CA LYS B 363 -9.71 -25.95 -25.92
C LYS B 363 -8.25 -26.40 -25.86
N TYR B 364 -7.72 -26.44 -24.63
CA TYR B 364 -6.37 -26.92 -24.37
C TYR B 364 -6.41 -28.28 -23.69
N ASN B 365 -5.37 -29.07 -23.94
N ASN B 365 -5.36 -29.07 -23.92
CA ASN B 365 -5.28 -30.45 -23.43
CA ASN B 365 -5.28 -30.44 -23.44
C ASN B 365 -4.20 -30.50 -22.36
C ASN B 365 -4.21 -30.52 -22.36
N ARG B 366 -4.64 -30.51 -21.10
CA ARG B 366 -3.71 -30.55 -19.97
C ARG B 366 -2.77 -31.75 -20.03
N LYS B 367 -3.21 -32.87 -20.62
CA LYS B 367 -2.38 -34.06 -20.64
C LYS B 367 -1.07 -33.87 -21.39
N THR B 368 -1.00 -32.89 -22.30
CA THR B 368 0.20 -32.65 -23.09
C THR B 368 0.89 -31.32 -22.72
N PHE B 369 0.57 -30.77 -21.55
CA PHE B 369 1.27 -29.58 -21.08
C PHE B 369 2.77 -29.82 -20.91
N PHE B 370 3.15 -30.98 -20.34
CA PHE B 370 4.52 -31.21 -19.89
C PHE B 370 5.15 -32.44 -20.54
N THR B 371 4.59 -32.93 -21.63
CA THR B 371 5.17 -34.05 -22.36
C THR B 371 6.30 -33.54 -23.25
N GLN B 372 7.04 -34.47 -23.89
CA GLN B 372 8.26 -34.10 -24.61
C GLN B 372 8.09 -34.02 -26.12
N ASP B 373 6.93 -34.40 -26.65
CA ASP B 373 6.76 -34.44 -28.10
C ASP B 373 6.96 -33.07 -28.71
N PRO B 374 7.79 -32.93 -29.74
CA PRO B 374 8.03 -31.61 -30.35
C PRO B 374 6.83 -31.05 -31.11
N VAL B 375 5.81 -31.86 -31.40
CA VAL B 375 4.65 -31.43 -32.16
C VAL B 375 3.36 -31.59 -31.36
N VAL B 376 3.09 -32.80 -30.87
CA VAL B 376 1.77 -33.13 -30.34
C VAL B 376 1.52 -32.35 -29.06
N GLY B 377 0.45 -31.56 -29.07
CA GLY B 377 0.11 -30.73 -27.93
C GLY B 377 1.01 -29.53 -27.77
N TYR B 378 1.83 -29.24 -28.77
CA TYR B 378 2.80 -28.15 -28.67
C TYR B 378 2.66 -27.21 -29.86
N THR B 379 2.88 -27.71 -31.08
CA THR B 379 2.76 -26.87 -32.26
C THR B 379 1.61 -27.27 -33.18
N ASP B 380 0.81 -28.26 -32.80
CA ASP B 380 -0.27 -28.73 -33.65
C ASP B 380 -1.64 -28.21 -33.27
N TYR B 381 -1.72 -27.22 -32.39
CA TYR B 381 -3.00 -26.55 -32.19
C TYR B 381 -3.23 -25.61 -33.37
N PRO B 382 -4.40 -25.63 -33.99
CA PRO B 382 -4.58 -24.95 -35.28
C PRO B 382 -4.80 -23.46 -35.13
N PHE B 383 -4.45 -22.74 -36.19
CA PHE B 383 -4.83 -21.35 -36.34
C PHE B 383 -6.29 -21.26 -36.77
N LEU B 384 -6.85 -20.05 -36.70
CA LEU B 384 -8.17 -19.78 -37.25
C LEU B 384 -8.25 -20.17 -38.72
N1 FMN C . -3.60 16.17 12.93
C2 FMN C . -4.92 15.78 12.82
O2 FMN C . -5.78 16.47 13.36
N3 FMN C . -5.25 14.66 12.12
C4 FMN C . -4.30 13.88 11.49
O4 FMN C . -4.66 12.85 10.91
C4A FMN C . -2.96 14.28 11.59
N5 FMN C . -1.97 13.52 10.99
C5A FMN C . -0.66 13.81 11.26
C6 FMN C . 0.32 12.92 10.78
C7 FMN C . 1.66 13.14 11.10
C7M FMN C . 2.71 12.19 10.58
C8 FMN C . 1.99 14.24 11.89
C8M FMN C . 3.43 14.52 12.25
C9 FMN C . 1.01 15.12 12.36
C9A FMN C . -0.33 14.93 12.05
N10 FMN C . -1.30 15.78 12.53
C10 FMN C . -2.63 15.41 12.35
C1' FMN C . -0.98 16.97 13.38
C2' FMN C . -0.82 16.36 14.82
O2' FMN C . -2.05 15.89 15.42
C3' FMN C . -0.23 17.26 15.89
O3' FMN C . -1.03 18.40 16.07
C4' FMN C . 1.19 17.71 15.61
O4' FMN C . 1.98 16.61 15.22
C5' FMN C . 1.69 18.35 16.92
O5' FMN C . 2.98 18.90 16.77
P FMN C . 4.28 18.06 17.19
O1P FMN C . 4.02 17.43 18.54
O2P FMN C . 4.54 17.00 16.16
O3P FMN C . 5.37 19.09 17.27
N1 L9I D . -3.66 16.45 9.19
C2 L9I D . -1.59 15.90 8.18
O2 L9I D . -0.46 16.19 8.01
C4 L9I D . -1.86 18.08 9.56
C5 L9I D . -1.49 20.37 9.57
C6 L9I D . -0.11 20.66 8.99
C1 L9I D . -2.20 14.63 7.60
C3 L9I D . -2.47 16.81 9.00
O1 L9I D . -2.04 19.28 8.89
O3 L9I D . -4.51 17.24 9.94
O4 L9I D . -1.23 18.09 10.56
C1 EDO E . -10.76 4.39 -4.57
O1 EDO E . -11.11 3.60 -5.70
C2 EDO E . -12.03 4.97 -3.96
O2 EDO E . -12.92 3.92 -3.56
C1 EDO F . 2.90 6.17 0.39
O1 EDO F . 3.54 6.96 1.41
C2 EDO F . 3.91 5.19 -0.17
O2 EDO F . 4.51 4.49 0.93
C1 EDO G . -13.62 36.55 10.61
O1 EDO G . -13.16 35.75 9.51
C2 EDO G . -14.05 37.92 10.10
O2 EDO G . -14.90 37.79 8.96
C1 PGE H . -20.13 12.64 -2.57
O1 PGE H . -20.97 11.48 -2.59
C2 PGE H . -20.05 13.17 -1.16
O2 PGE H . -21.33 13.15 -0.55
C3 PGE H . -21.34 12.60 0.75
C4 PGE H . -22.25 11.37 0.77
O4 PGE H . -19.83 9.88 -1.18
C6 PGE H . -19.80 9.36 0.14
C5 PGE H . -21.25 9.23 0.57
O3 PGE H . -21.59 10.31 1.41
N1 FMN I . 4.60 -19.24 -14.58
C2 FMN I . 5.91 -18.87 -14.48
O2 FMN I . 6.19 -17.81 -13.93
N3 FMN I . 6.90 -19.69 -14.97
C4 FMN I . 6.60 -20.90 -15.55
O4 FMN I . 7.54 -21.59 -16.00
C4A FMN I . 5.27 -21.29 -15.66
N5 FMN I . 4.94 -22.50 -16.24
C5A FMN I . 3.61 -22.78 -16.50
C6 FMN I . 3.31 -23.92 -17.25
C7 FMN I . 2.00 -24.21 -17.57
C7M FMN I . 1.68 -25.44 -18.38
C8 FMN I . 1.00 -23.34 -17.15
C8M FMN I . -0.45 -23.61 -17.48
C9 FMN I . 1.31 -22.20 -16.41
C9A FMN I . 2.62 -21.89 -16.07
N10 FMN I . 2.94 -20.76 -15.33
C10 FMN I . 4.27 -20.44 -15.20
C1' FMN I . 1.90 -19.77 -14.87
C2' FMN I . 1.62 -18.89 -16.13
O2' FMN I . 2.70 -18.01 -16.46
C3' FMN I . 0.39 -17.97 -16.08
O3' FMN I . 0.52 -17.10 -14.99
C4' FMN I . -0.93 -18.71 -15.94
O4' FMN I . -0.99 -19.78 -16.86
C5' FMN I . -2.01 -17.66 -16.19
O5' FMN I . -3.30 -18.18 -16.01
P FMN I . -4.13 -18.71 -17.28
O1P FMN I . -4.00 -17.69 -18.40
O2P FMN I . -3.57 -20.03 -17.71
O3P FMN I . -5.57 -18.81 -16.82
N1 L9I J . 5.53 -22.17 -12.44
C2 L9I J . 4.31 -24.14 -12.94
O2 L9I J . 3.25 -24.68 -12.94
C4 L9I J . 3.18 -22.12 -11.75
C5 L9I J . 1.80 -21.50 -9.98
C6 L9I J . 0.69 -22.52 -9.83
C1 L9I J . 5.55 -24.80 -13.55
C3 L9I J . 4.43 -22.76 -12.36
O1 L9I J . 2.98 -22.14 -10.37
O3 L9I J . 5.69 -20.88 -11.93
O4 L9I J . 2.37 -21.62 -12.44
C1 EDO K . 0.51 -16.24 1.09
O1 EDO K . 0.74 -16.89 -0.16
C2 EDO K . -0.65 -16.89 1.84
O2 EDO K . -1.86 -16.67 1.13
C1 EDO L . 7.08 -36.02 -18.17
O1 EDO L . 5.92 -35.18 -18.23
C2 EDO L . 6.87 -37.25 -19.05
O2 EDO L . 6.31 -36.87 -20.32
C1 PEG M . 13.78 6.34 -12.05
O1 PEG M . 14.87 6.78 -11.29
C2 PEG M . 12.56 7.19 -11.69
O2 PEG M . 11.42 6.38 -11.61
C3 PEG M . 11.64 5.25 -10.84
C4 PEG M . 10.43 4.94 -9.98
O4 PEG M . 10.75 4.36 -8.73
C1 EDO N . -0.99 -31.10 -15.44
O1 EDO N . -0.19 -31.60 -14.37
C2 EDO N . -0.35 -31.46 -16.79
O2 EDO N . -0.43 -32.87 -17.03
C1 EDO O . -0.15 4.96 -18.59
O1 EDO O . 1.04 4.40 -18.03
C2 EDO O . -0.39 4.34 -19.96
O2 EDO O . 0.81 4.44 -20.75
#